data_1ONP
#
_entry.id   1ONP
#
_cell.length_a   90.754
_cell.length_b   52.301
_cell.length_c   107.595
_cell.angle_alpha   90.00
_cell.angle_beta   92.11
_cell.angle_gamma   90.00
#
_symmetry.space_group_name_H-M   'P 1 21 1'
#
loop_
_entity.id
_entity.type
_entity.pdbx_description
1 polymer '1-deoxy-D-xylulose 5-phosphate reductoisomerase'
2 non-polymer 'MANGANESE (II) ION'
3 non-polymer '3-[FORMYL(HYDROXY)AMINO]PROPYLPHOSPHONIC ACID'
4 water water
#
_entity_poly.entity_id   1
_entity_poly.type   'polypeptide(L)'
_entity_poly.pdbx_seq_one_letter_code
;MKQLTILGSTGSIGCSTLDVVRHNPEHFRVVALVAGKNVTRMVEQCLEFSPRYAVMDDEASAKLLKTMLQQQGSRTEVLS
GQQAACDMAALEDVDQVMAAIVGAAGLLPTLAAIRAGKTILLANKESLVTCGRLFMDAVKQSKAQLLPVDSEHNAIFQSL
PQPIQHNLGYADLEQNGVVSILLTGSGGPFRETPLRDLATMTPDQACRHPNWSMGRKISVDSATMMNKGLEYIEARWLFN
ASASQMEVLIHPQSVIHSMVRYQDGSVLAQLGEPDMRTPIAHTMAWPNRVNSGVKPLDFCKLSALTFAAPDYDRYPCLKL
AMEAFEQGQAATTALNAANEITVAAFLAQQIRFTDIAALNLSVLEKMDMREPQCVDDVLSVDANAREVARKEVMRLAS
;
_entity_poly.pdbx_strand_id   A,B
#
# COMPACT_ATOMS: atom_id res chain seq x y z
N MET A 1 25.36 -5.44 -8.58
CA MET A 1 26.39 -5.14 -7.53
C MET A 1 26.54 -3.64 -7.34
N LYS A 2 25.69 -3.07 -6.48
CA LYS A 2 25.72 -1.64 -6.18
C LYS A 2 26.89 -1.33 -5.20
N GLN A 3 27.43 -0.12 -5.28
CA GLN A 3 28.52 0.29 -4.41
C GLN A 3 28.13 1.57 -3.72
N LEU A 4 28.27 1.65 -2.40
CA LEU A 4 27.89 2.88 -1.72
C LEU A 4 28.91 3.63 -0.87
N THR A 5 28.48 4.81 -0.43
CA THR A 5 29.23 5.69 0.44
C THR A 5 28.20 5.99 1.51
N ILE A 6 28.62 5.91 2.77
CA ILE A 6 27.73 6.18 3.88
C ILE A 6 28.22 7.46 4.53
N LEU A 7 27.34 8.42 4.76
CA LEU A 7 27.73 9.69 5.41
C LEU A 7 27.20 9.72 6.86
N GLY A 8 28.01 9.22 7.79
CA GLY A 8 27.59 9.15 9.19
C GLY A 8 27.48 7.67 9.50
N SER A 9 28.51 6.94 9.07
CA SER A 9 28.60 5.49 9.22
C SER A 9 28.74 4.96 10.62
N THR A 10 28.67 5.85 11.61
CA THR A 10 28.82 5.43 12.99
C THR A 10 27.60 5.60 13.84
N GLY A 11 26.63 6.39 13.36
CA GLY A 11 25.39 6.63 14.10
C GLY A 11 24.39 5.49 13.99
N SER A 12 23.17 5.69 14.49
CA SER A 12 22.15 4.65 14.44
C SER A 12 21.87 4.10 13.04
N ILE A 13 21.47 5.02 12.15
CA ILE A 13 21.14 4.69 10.78
C ILE A 13 22.36 4.23 9.97
N GLY A 14 23.54 4.62 10.40
CA GLY A 14 24.73 4.16 9.71
C GLY A 14 24.92 2.66 9.92
N CYS A 15 24.88 2.23 11.18
CA CYS A 15 25.06 0.82 11.54
C CYS A 15 23.98 -0.08 10.94
N SER A 16 22.76 0.43 10.90
CA SER A 16 21.63 -0.30 10.32
C SER A 16 21.90 -0.56 8.82
N THR A 17 22.46 0.46 8.13
CA THR A 17 22.80 0.34 6.70
C THR A 17 23.96 -0.64 6.54
N LEU A 18 24.82 -0.68 7.55
CA LEU A 18 25.95 -1.59 7.55
C LEU A 18 25.48 -3.00 7.89
N ASP A 19 24.42 -3.09 8.69
CA ASP A 19 23.85 -4.39 9.03
C ASP A 19 23.12 -4.86 7.75
N VAL A 20 22.63 -3.91 6.94
CA VAL A 20 21.96 -4.25 5.68
C VAL A 20 22.98 -4.72 4.60
N VAL A 21 24.14 -4.08 4.54
CA VAL A 21 25.17 -4.46 3.58
C VAL A 21 25.75 -5.82 3.97
N ARG A 22 25.85 -6.05 5.27
CA ARG A 22 26.39 -7.28 5.83
C ARG A 22 25.58 -8.50 5.43
N HIS A 23 24.26 -8.49 5.70
CA HIS A 23 23.40 -9.64 5.38
C HIS A 23 23.09 -9.80 3.89
N ASN A 24 23.50 -8.82 3.07
CA ASN A 24 23.30 -8.82 1.61
C ASN A 24 24.63 -8.37 0.95
N PRO A 25 25.73 -9.09 1.23
CA PRO A 25 27.02 -8.72 0.67
C PRO A 25 27.09 -8.94 -0.83
N GLU A 26 26.23 -9.79 -1.34
CA GLU A 26 26.20 -10.11 -2.77
C GLU A 26 25.76 -8.93 -3.64
N HIS A 27 25.07 -7.97 -3.04
CA HIS A 27 24.59 -6.81 -3.79
C HIS A 27 25.22 -5.48 -3.39
N PHE A 28 25.73 -5.38 -2.16
CA PHE A 28 26.33 -4.11 -1.69
C PHE A 28 27.81 -4.18 -1.32
N ARG A 29 28.49 -3.06 -1.53
CA ARG A 29 29.92 -2.90 -1.21
C ARG A 29 30.24 -1.48 -0.74
N VAL A 30 31.01 -1.33 0.34
CA VAL A 30 31.35 0.01 0.80
C VAL A 30 32.62 0.44 0.10
N VAL A 31 32.59 1.67 -0.40
CA VAL A 31 33.71 2.25 -1.11
C VAL A 31 34.20 3.40 -0.23
N ALA A 32 33.33 3.85 0.68
CA ALA A 32 33.72 4.93 1.56
C ALA A 32 32.89 5.03 2.82
N LEU A 33 33.56 5.31 3.93
CA LEU A 33 32.88 5.50 5.21
C LEU A 33 33.23 6.89 5.66
N VAL A 34 32.24 7.62 6.14
CA VAL A 34 32.42 8.97 6.62
C VAL A 34 31.77 9.03 8.02
N ALA A 35 32.50 9.54 9.00
CA ALA A 35 31.96 9.65 10.36
C ALA A 35 32.35 10.99 10.95
N GLY A 36 32.19 11.15 12.27
CA GLY A 36 32.51 12.41 12.90
C GLY A 36 33.71 12.39 13.84
N LYS A 37 33.61 11.64 14.92
CA LYS A 37 34.70 11.55 15.86
C LYS A 37 34.90 10.15 16.40
N ASN A 38 33.85 9.31 16.39
CA ASN A 38 33.98 7.93 16.87
C ASN A 38 34.99 7.16 16.02
N VAL A 39 36.27 7.37 16.34
CA VAL A 39 37.36 6.72 15.66
C VAL A 39 37.26 5.25 16.02
N THR A 40 36.70 5.01 17.21
CA THR A 40 36.50 3.70 17.81
C THR A 40 35.60 2.72 17.02
N ARG A 41 34.39 3.15 16.67
CA ARG A 41 33.51 2.26 15.90
C ARG A 41 33.93 2.25 14.43
N MET A 42 34.51 3.37 13.97
CA MET A 42 34.97 3.55 12.58
C MET A 42 36.03 2.53 12.15
N VAL A 43 36.97 2.22 13.03
CA VAL A 43 37.99 1.23 12.70
C VAL A 43 37.31 -0.12 12.53
N GLU A 44 36.48 -0.47 13.50
CA GLU A 44 35.77 -1.72 13.48
C GLU A 44 35.09 -1.92 12.13
N GLN A 45 34.34 -0.91 11.69
CA GLN A 45 33.61 -0.95 10.41
C GLN A 45 34.55 -0.98 9.21
N CYS A 46 35.63 -0.21 9.27
CA CYS A 46 36.60 -0.20 8.17
C CYS A 46 37.26 -1.57 8.13
N LEU A 47 37.38 -2.18 9.30
CA LEU A 47 37.99 -3.48 9.41
C LEU A 47 37.04 -4.52 8.83
N GLU A 48 35.75 -4.36 9.11
CA GLU A 48 34.76 -5.31 8.61
C GLU A 48 34.40 -5.19 7.13
N PHE A 49 34.08 -3.98 6.67
CA PHE A 49 33.69 -3.80 5.26
C PHE A 49 34.83 -3.40 4.33
N SER A 50 35.87 -2.78 4.91
CA SER A 50 37.06 -2.30 4.20
C SER A 50 36.79 -1.27 3.10
N PRO A 51 36.21 -0.11 3.47
CA PRO A 51 35.95 0.89 2.44
C PRO A 51 37.28 1.36 1.87
N ARG A 52 37.28 1.86 0.64
CA ARG A 52 38.53 2.36 0.07
C ARG A 52 38.86 3.66 0.80
N TYR A 53 37.86 4.21 1.48
CA TYR A 53 38.06 5.44 2.22
C TYR A 53 37.33 5.49 3.55
N ALA A 54 37.89 6.33 4.40
CA ALA A 54 37.36 6.57 5.72
C ALA A 54 37.67 8.05 5.84
N VAL A 55 36.75 8.81 6.42
CA VAL A 55 36.93 10.24 6.61
C VAL A 55 36.39 10.59 7.98
N MET A 56 37.09 11.48 8.68
CA MET A 56 36.64 11.89 10.01
C MET A 56 36.57 13.40 9.90
N ASP A 57 35.86 14.05 10.81
CA ASP A 57 35.74 15.48 10.74
C ASP A 57 37.02 16.29 10.91
N ASP A 58 37.95 15.83 11.76
CA ASP A 58 39.22 16.54 11.99
C ASP A 58 40.49 15.68 11.91
N GLU A 59 41.63 16.31 11.60
CA GLU A 59 42.91 15.60 11.47
C GLU A 59 43.31 14.96 12.77
N ALA A 60 43.07 15.67 13.86
CA ALA A 60 43.38 15.11 15.16
C ALA A 60 42.84 13.66 15.10
N SER A 61 41.53 13.51 14.91
CA SER A 61 40.84 12.21 14.83
C SER A 61 41.30 11.24 13.73
N ALA A 62 41.68 11.76 12.56
CA ALA A 62 42.11 10.93 11.44
C ALA A 62 43.49 10.32 11.65
N LYS A 63 44.37 11.12 12.26
CA LYS A 63 45.75 10.74 12.56
C LYS A 63 45.78 9.55 13.54
N LEU A 64 44.67 9.34 14.24
CA LEU A 64 44.52 8.26 15.21
C LEU A 64 43.88 7.03 14.53
N LEU A 65 42.85 7.30 13.72
CA LEU A 65 42.16 6.26 12.98
C LEU A 65 43.20 5.69 12.02
N LYS A 66 43.90 6.61 11.36
CA LYS A 66 44.94 6.26 10.40
C LYS A 66 45.90 5.29 11.08
N THR A 67 46.04 5.48 12.40
CA THR A 67 46.92 4.71 13.31
C THR A 67 46.47 3.31 13.73
N MET A 68 45.20 3.20 14.09
CA MET A 68 44.65 1.91 14.51
C MET A 68 44.41 1.04 13.28
N LEU A 69 44.22 1.69 12.13
CA LEU A 69 44.03 1.00 10.86
C LEU A 69 45.41 0.50 10.46
N GLN A 70 46.41 1.28 10.84
CA GLN A 70 47.82 0.97 10.59
C GLN A 70 48.09 -0.36 11.33
N GLN A 71 47.76 -0.37 12.62
CA GLN A 71 47.92 -1.53 13.48
C GLN A 71 47.41 -2.80 12.83
N GLN A 72 46.18 -2.76 12.34
CA GLN A 72 45.55 -3.92 11.73
C GLN A 72 45.93 -4.21 10.28
N GLY A 73 46.55 -3.22 9.62
CA GLY A 73 46.95 -3.40 8.23
C GLY A 73 45.87 -2.93 7.27
N SER A 74 44.82 -2.32 7.81
CA SER A 74 43.73 -1.83 7.00
C SER A 74 44.28 -0.86 5.97
N ARG A 75 44.24 -1.29 4.71
CA ARG A 75 44.73 -0.49 3.61
C ARG A 75 43.87 0.76 3.44
N THR A 76 42.72 0.77 4.12
CA THR A 76 41.79 1.90 4.08
C THR A 76 42.53 3.24 4.19
N GLU A 77 42.37 4.09 3.18
CA GLU A 77 43.04 5.38 3.23
C GLU A 77 42.20 6.35 4.05
N VAL A 78 42.86 7.13 4.90
CA VAL A 78 42.15 8.09 5.75
C VAL A 78 42.30 9.54 5.31
N LEU A 79 41.16 10.22 5.24
CA LEU A 79 41.09 11.64 4.87
C LEU A 79 40.40 12.41 5.99
N SER A 80 40.24 13.71 5.78
CA SER A 80 39.62 14.51 6.82
C SER A 80 38.89 15.75 6.31
N GLY A 81 38.14 16.39 7.21
CA GLY A 81 37.42 17.59 6.88
C GLY A 81 36.16 17.38 6.06
N GLN A 82 35.50 18.49 5.74
CA GLN A 82 34.27 18.46 4.96
C GLN A 82 34.47 18.12 3.49
N GLN A 83 35.51 18.69 2.90
CA GLN A 83 35.78 18.42 1.50
C GLN A 83 35.93 16.93 1.28
N ALA A 84 36.67 16.28 2.16
CA ALA A 84 36.86 14.84 2.02
C ALA A 84 35.52 14.14 1.91
N ALA A 85 34.57 14.57 2.75
CA ALA A 85 33.22 14.00 2.78
C ALA A 85 32.45 14.22 1.47
N CYS A 86 32.49 15.45 0.94
CA CYS A 86 31.81 15.80 -0.31
C CYS A 86 32.41 15.02 -1.47
N ASP A 87 33.71 14.73 -1.36
CA ASP A 87 34.44 13.97 -2.36
C ASP A 87 34.08 12.49 -2.31
N MET A 88 33.60 12.03 -1.17
CA MET A 88 33.22 10.63 -1.02
C MET A 88 31.81 10.52 -1.57
N ALA A 89 31.05 11.61 -1.41
CA ALA A 89 29.67 11.67 -1.87
C ALA A 89 29.60 11.78 -3.38
N ALA A 90 30.58 12.47 -3.97
CA ALA A 90 30.63 12.66 -5.43
C ALA A 90 31.56 11.64 -6.11
N LEU A 91 32.09 10.70 -5.33
CA LEU A 91 33.00 9.68 -5.82
C LEU A 91 32.52 9.09 -7.13
N GLU A 92 33.39 9.13 -8.13
CA GLU A 92 33.10 8.65 -9.47
C GLU A 92 32.39 7.29 -9.52
N ASP A 93 33.03 6.26 -8.98
CA ASP A 93 32.46 4.90 -9.03
C ASP A 93 31.44 4.52 -7.94
N VAL A 94 30.90 5.50 -7.22
CA VAL A 94 29.91 5.22 -6.18
C VAL A 94 28.48 5.36 -6.71
N ASP A 95 27.65 4.35 -6.44
CA ASP A 95 26.26 4.31 -6.87
C ASP A 95 25.25 5.04 -5.96
N GLN A 96 25.21 4.67 -4.68
CA GLN A 96 24.28 5.29 -3.75
C GLN A 96 25.03 5.95 -2.61
N VAL A 97 24.41 6.96 -1.99
CA VAL A 97 25.03 7.65 -0.86
C VAL A 97 24.04 7.82 0.30
N MET A 98 24.29 7.06 1.35
CA MET A 98 23.44 7.11 2.53
C MET A 98 23.70 8.43 3.29
N ALA A 99 23.04 9.49 2.86
CA ALA A 99 23.16 10.82 3.46
C ALA A 99 22.59 10.83 4.88
N ALA A 100 23.30 10.18 5.81
CA ALA A 100 22.86 10.06 7.21
C ALA A 100 23.54 10.97 8.22
N ILE A 101 24.48 11.80 7.76
CA ILE A 101 25.19 12.77 8.61
C ILE A 101 24.13 13.86 8.86
N VAL A 102 23.81 14.15 10.11
CA VAL A 102 22.77 15.16 10.39
C VAL A 102 23.24 16.52 10.81
N GLY A 103 22.30 17.46 10.78
CA GLY A 103 22.56 18.84 11.15
C GLY A 103 22.95 19.61 9.92
N ALA A 104 23.70 20.70 10.08
CA ALA A 104 24.15 21.53 8.96
C ALA A 104 25.43 20.89 8.40
N ALA A 105 25.97 20.00 9.20
CA ALA A 105 27.17 19.27 8.86
C ALA A 105 26.89 18.63 7.51
N GLY A 106 25.73 18.01 7.39
CA GLY A 106 25.34 17.30 6.18
C GLY A 106 24.78 18.01 4.95
N LEU A 107 24.46 19.29 5.04
CA LEU A 107 23.91 20.00 3.88
C LEU A 107 24.81 19.97 2.63
N LEU A 108 26.12 20.12 2.80
CA LEU A 108 27.01 20.10 1.64
C LEU A 108 27.32 18.73 1.05
N PRO A 109 27.55 17.70 1.90
CA PRO A 109 27.85 16.34 1.41
C PRO A 109 26.64 15.68 0.76
N THR A 110 25.46 16.04 1.26
CA THR A 110 24.21 15.52 0.72
C THR A 110 24.07 16.19 -0.64
N LEU A 111 24.41 17.47 -0.67
CA LEU A 111 24.35 18.27 -1.88
C LEU A 111 25.35 17.81 -2.94
N ALA A 112 26.56 17.43 -2.50
CA ALA A 112 27.59 16.98 -3.41
C ALA A 112 27.21 15.63 -4.01
N ALA A 113 26.48 14.83 -3.25
CA ALA A 113 26.05 13.53 -3.76
C ALA A 113 24.91 13.80 -4.74
N ILE A 114 24.17 14.89 -4.50
CA ILE A 114 23.05 15.29 -5.36
C ILE A 114 23.64 15.79 -6.67
N ARG A 115 24.41 16.87 -6.58
CA ARG A 115 25.05 17.47 -7.74
C ARG A 115 25.68 16.46 -8.68
N ALA A 116 26.19 15.35 -8.12
CA ALA A 116 26.82 14.30 -8.93
C ALA A 116 25.82 13.32 -9.54
N GLY A 117 24.52 13.62 -9.38
CA GLY A 117 23.45 12.79 -9.92
C GLY A 117 23.44 11.35 -9.46
N LYS A 118 23.45 11.14 -8.14
CA LYS A 118 23.48 9.78 -7.55
C LYS A 118 22.23 9.36 -6.80
N THR A 119 21.97 8.05 -6.78
CA THR A 119 20.84 7.50 -6.03
C THR A 119 21.06 7.90 -4.58
N ILE A 120 20.19 8.75 -4.04
CA ILE A 120 20.40 9.25 -2.69
C ILE A 120 19.50 8.71 -1.57
N LEU A 121 20.10 7.93 -0.66
CA LEU A 121 19.38 7.36 0.47
C LEU A 121 19.29 8.51 1.46
N LEU A 122 18.34 9.41 1.21
CA LEU A 122 18.14 10.58 2.04
C LEU A 122 17.76 10.24 3.48
N ALA A 123 18.76 10.32 4.37
CA ALA A 123 18.54 10.02 5.78
C ALA A 123 18.83 11.18 6.72
N ASN A 124 18.36 12.39 6.37
CA ASN A 124 18.50 13.56 7.24
C ASN A 124 17.44 14.63 6.95
N LYS A 125 16.74 15.03 8.00
CA LYS A 125 15.67 16.01 7.87
C LYS A 125 16.14 17.37 7.36
N GLU A 126 17.08 17.99 8.07
CA GLU A 126 17.62 19.29 7.69
C GLU A 126 17.82 19.53 6.19
N SER A 127 18.21 18.51 5.43
CA SER A 127 18.42 18.70 4.01
C SER A 127 17.27 19.35 3.30
N LEU A 128 16.05 18.98 3.69
CA LEU A 128 14.86 19.53 3.06
C LEU A 128 14.09 20.52 3.93
N VAL A 129 14.33 20.49 5.23
CA VAL A 129 13.65 21.40 6.13
C VAL A 129 14.23 22.81 5.98
N THR A 130 15.53 22.90 5.67
CA THR A 130 16.22 24.18 5.50
C THR A 130 16.63 24.47 4.05
N CYS A 131 17.15 23.46 3.35
CA CYS A 131 17.58 23.64 1.95
C CYS A 131 16.67 22.92 0.95
N GLY A 132 15.37 23.08 1.12
CA GLY A 132 14.42 22.41 0.26
C GLY A 132 14.28 22.94 -1.16
N ARG A 133 14.24 24.25 -1.31
CA ARG A 133 14.12 24.86 -2.63
C ARG A 133 15.37 24.49 -3.44
N LEU A 134 16.52 24.78 -2.87
CA LEU A 134 17.79 24.51 -3.49
C LEU A 134 17.93 23.04 -3.84
N PHE A 135 17.90 22.19 -2.82
CA PHE A 135 18.06 20.75 -3.04
C PHE A 135 17.22 20.11 -4.13
N MET A 136 15.95 20.49 -4.26
CA MET A 136 15.08 19.91 -5.28
C MET A 136 15.42 20.39 -6.70
N ASP A 137 16.01 21.58 -6.78
CA ASP A 137 16.42 22.12 -8.07
C ASP A 137 17.71 21.43 -8.46
N ALA A 138 18.53 21.11 -7.47
CA ALA A 138 19.80 20.42 -7.69
C ALA A 138 19.51 19.03 -8.23
N VAL A 139 18.32 18.51 -7.91
CA VAL A 139 17.89 17.18 -8.35
C VAL A 139 17.36 17.24 -9.76
N LYS A 140 16.53 18.26 -10.03
CA LYS A 140 15.97 18.44 -11.38
C LYS A 140 17.19 18.49 -12.30
N GLN A 141 18.05 19.48 -12.05
CA GLN A 141 19.28 19.70 -12.81
C GLN A 141 20.09 18.46 -13.19
N SER A 142 20.38 17.60 -12.22
CA SER A 142 21.20 16.40 -12.44
C SER A 142 20.45 15.07 -12.45
N LYS A 143 19.14 15.13 -12.23
CA LYS A 143 18.30 13.93 -12.21
C LYS A 143 18.85 12.88 -11.23
N ALA A 144 19.07 13.32 -10.00
CA ALA A 144 19.56 12.45 -8.93
C ALA A 144 18.33 11.74 -8.36
N GLN A 145 18.48 10.45 -8.02
CA GLN A 145 17.35 9.68 -7.49
C GLN A 145 17.20 9.75 -5.96
N LEU A 146 16.23 10.54 -5.51
CA LEU A 146 15.94 10.64 -4.08
C LEU A 146 15.12 9.43 -3.67
N LEU A 147 15.53 8.81 -2.55
CA LEU A 147 14.87 7.65 -1.97
C LEU A 147 14.85 7.96 -0.47
N PRO A 148 13.71 8.43 0.05
CA PRO A 148 13.65 8.74 1.48
C PRO A 148 13.71 7.50 2.38
N VAL A 149 14.47 7.62 3.47
CA VAL A 149 14.65 6.52 4.42
C VAL A 149 13.79 6.74 5.66
N ASP A 150 13.44 7.99 5.93
CA ASP A 150 12.60 8.29 7.07
C ASP A 150 11.37 7.37 7.00
N SER A 151 11.02 6.71 8.10
CA SER A 151 9.88 5.80 8.12
C SER A 151 8.66 6.31 7.39
N GLU A 152 8.23 7.53 7.71
CA GLU A 152 7.05 8.12 7.06
C GLU A 152 7.17 8.31 5.54
N HIS A 153 8.21 9.03 5.13
CA HIS A 153 8.41 9.29 3.71
C HIS A 153 8.68 8.02 2.93
N ASN A 154 9.35 7.07 3.57
CA ASN A 154 9.64 5.80 2.92
C ASN A 154 8.30 5.18 2.59
N ALA A 155 7.41 5.15 3.57
CA ALA A 155 6.10 4.60 3.37
C ALA A 155 5.32 5.41 2.32
N ILE A 156 5.36 6.75 2.40
CA ILE A 156 4.61 7.53 1.41
C ILE A 156 5.13 7.30 -0.03
N PHE A 157 6.43 7.07 -0.15
CA PHE A 157 7.09 6.84 -1.43
C PHE A 157 6.68 5.46 -1.93
N GLN A 158 6.80 4.44 -1.07
CA GLN A 158 6.43 3.05 -1.44
C GLN A 158 4.95 3.03 -1.87
N SER A 159 4.16 3.92 -1.30
CA SER A 159 2.74 3.94 -1.60
C SER A 159 2.37 4.77 -2.82
N LEU A 160 3.37 5.42 -3.41
CA LEU A 160 3.10 6.21 -4.57
C LEU A 160 3.17 5.35 -5.82
N PRO A 161 2.74 5.91 -6.94
CA PRO A 161 2.77 5.20 -8.21
C PRO A 161 4.18 5.27 -8.78
N GLN A 162 4.52 4.41 -9.74
CA GLN A 162 5.87 4.38 -10.34
C GLN A 162 6.40 5.62 -11.09
N PRO A 163 5.68 6.12 -12.11
CA PRO A 163 6.27 7.29 -12.75
C PRO A 163 6.57 8.51 -11.82
N ILE A 164 6.07 8.47 -10.58
CA ILE A 164 6.33 9.55 -9.63
C ILE A 164 7.53 9.19 -8.77
N GLN A 165 7.87 7.90 -8.76
CA GLN A 165 9.01 7.36 -7.98
C GLN A 165 10.39 7.59 -8.65
N HIS A 166 10.41 7.57 -10.00
CA HIS A 166 11.63 7.76 -10.80
C HIS A 166 11.97 9.20 -11.05
N ASN A 167 10.99 10.06 -10.83
CA ASN A 167 11.12 11.50 -11.00
C ASN A 167 10.84 12.13 -9.66
N LEU A 168 11.40 11.60 -8.59
CA LEU A 168 11.06 12.16 -7.28
C LEU A 168 11.29 13.67 -7.18
N GLY A 169 10.19 14.42 -6.98
CA GLY A 169 10.26 15.86 -6.85
C GLY A 169 9.61 16.62 -7.97
N TYR A 170 9.77 16.13 -9.20
CA TYR A 170 9.17 16.77 -10.37
C TYR A 170 7.92 16.02 -10.82
N ALA A 171 7.70 14.85 -10.25
CA ALA A 171 6.52 14.05 -10.59
C ALA A 171 5.31 14.70 -9.95
N ASP A 172 4.42 15.21 -10.80
CA ASP A 172 3.20 15.86 -10.37
C ASP A 172 2.19 14.87 -9.79
N LEU A 173 1.89 15.05 -8.51
CA LEU A 173 0.95 14.18 -7.83
C LEU A 173 -0.36 14.04 -8.55
N GLU A 174 -1.12 15.14 -8.50
CA GLU A 174 -2.47 15.25 -9.06
C GLU A 174 -2.65 14.81 -10.51
N GLN A 175 -1.65 15.03 -11.35
CA GLN A 175 -1.79 14.62 -12.74
C GLN A 175 -1.62 13.10 -12.84
N ASN A 176 -0.87 12.52 -11.90
CA ASN A 176 -0.61 11.08 -11.88
C ASN A 176 -1.62 10.31 -10.98
N GLY A 177 -2.76 10.92 -10.68
CA GLY A 177 -3.77 10.24 -9.89
C GLY A 177 -3.79 10.33 -8.39
N VAL A 178 -2.84 11.06 -7.80
CA VAL A 178 -2.77 11.21 -6.34
C VAL A 178 -3.69 12.35 -5.86
N VAL A 179 -4.58 12.04 -4.93
CA VAL A 179 -5.53 13.04 -4.39
C VAL A 179 -4.89 13.84 -3.29
N SER A 180 -4.02 13.15 -2.53
CA SER A 180 -3.27 13.73 -1.42
C SER A 180 -2.38 12.66 -0.82
N ILE A 181 -1.51 13.10 0.09
CA ILE A 181 -0.56 12.25 0.78
C ILE A 181 -0.94 12.24 2.26
N LEU A 182 -0.90 11.07 2.88
CA LEU A 182 -1.29 10.95 4.29
C LEU A 182 -0.14 10.75 5.26
N LEU A 183 0.29 11.87 5.82
CA LEU A 183 1.36 11.93 6.79
C LEU A 183 0.78 11.58 8.17
N THR A 184 1.20 10.43 8.70
CA THR A 184 0.73 9.90 9.98
C THR A 184 1.75 9.98 11.10
N GLY A 185 1.26 10.14 12.33
CA GLY A 185 2.15 10.22 13.49
C GLY A 185 1.46 9.84 14.78
N SER A 186 2.18 9.19 15.70
CA SER A 186 1.62 8.75 16.98
C SER A 186 0.74 9.78 17.71
N GLY A 187 1.19 11.04 17.72
CA GLY A 187 0.41 12.09 18.38
C GLY A 187 1.01 12.49 19.71
N GLY A 188 2.18 11.94 20.01
CA GLY A 188 2.85 12.25 21.26
C GLY A 188 2.19 11.64 22.48
N PRO A 189 2.90 11.59 23.64
CA PRO A 189 2.33 11.03 24.87
C PRO A 189 1.28 11.87 25.59
N PHE A 190 1.12 13.13 25.18
CA PHE A 190 0.16 14.03 25.83
C PHE A 190 -1.06 14.27 24.92
N ARG A 191 -1.36 13.27 24.09
CA ARG A 191 -2.48 13.34 23.15
C ARG A 191 -3.84 13.39 23.84
N GLU A 192 -3.97 12.71 24.97
CA GLU A 192 -5.23 12.69 25.70
C GLU A 192 -5.15 13.46 27.03
N THR A 193 -4.05 14.20 27.23
CA THR A 193 -3.87 14.98 28.46
C THR A 193 -4.72 16.23 28.32
N PRO A 194 -5.53 16.56 29.34
CA PRO A 194 -6.36 17.78 29.23
C PRO A 194 -5.50 18.97 28.79
N LEU A 195 -6.03 19.84 27.94
CA LEU A 195 -5.22 20.96 27.48
C LEU A 195 -4.55 21.76 28.59
N ARG A 196 -5.30 22.20 29.58
CA ARG A 196 -4.68 22.93 30.67
C ARG A 196 -3.96 21.90 31.53
N ASP A 197 -2.81 21.44 31.05
CA ASP A 197 -2.04 20.48 31.82
C ASP A 197 -0.78 20.22 31.05
N LEU A 198 -0.75 20.75 29.83
CA LEU A 198 0.42 20.59 29.00
C LEU A 198 1.47 21.53 29.53
N ALA A 199 1.01 22.59 30.21
CA ALA A 199 1.90 23.58 30.80
C ALA A 199 2.69 23.02 32.01
N THR A 200 2.07 22.09 32.74
CA THR A 200 2.68 21.48 33.91
C THR A 200 3.40 20.19 33.53
N MET A 201 3.70 20.01 32.25
CA MET A 201 4.38 18.80 31.80
C MET A 201 5.89 18.81 32.00
N THR A 202 6.39 17.72 32.55
CA THR A 202 7.80 17.56 32.85
C THR A 202 8.51 16.82 31.76
N PRO A 203 9.86 16.87 31.77
CA PRO A 203 10.69 16.20 30.78
C PRO A 203 10.64 14.67 30.91
N ASP A 204 10.35 14.17 32.11
CA ASP A 204 10.29 12.72 32.31
C ASP A 204 9.01 12.11 31.73
N GLN A 205 7.97 12.95 31.57
CA GLN A 205 6.69 12.49 31.03
C GLN A 205 6.76 12.45 29.50
N ALA A 206 7.86 12.96 28.96
CA ALA A 206 8.05 12.98 27.51
C ALA A 206 9.49 12.69 27.13
N CYS A 207 9.87 11.42 27.05
CA CYS A 207 11.24 11.09 26.66
C CYS A 207 11.57 9.63 26.35
N ARG A 208 11.36 9.25 25.09
CA ARG A 208 11.62 7.89 24.56
C ARG A 208 10.55 6.84 24.92
N HIS A 209 9.28 7.24 24.80
CA HIS A 209 8.12 6.39 25.14
C HIS A 209 7.64 5.46 24.00
N PRO A 210 7.60 4.13 24.28
CA PRO A 210 7.22 2.93 23.47
C PRO A 210 6.32 2.97 22.23
N ASN A 211 6.48 1.91 21.42
CA ASN A 211 5.77 1.68 20.16
C ASN A 211 6.25 2.56 19.00
N TRP A 212 7.54 2.45 18.69
CA TRP A 212 8.20 3.21 17.62
C TRP A 212 8.63 4.61 18.05
N SER A 213 9.37 4.70 19.17
CA SER A 213 9.83 5.98 19.73
C SER A 213 10.97 5.87 20.78
N MET A 214 12.13 6.48 20.50
CA MET A 214 13.27 6.44 21.42
C MET A 214 14.37 7.49 21.13
N GLY A 215 14.15 8.72 21.61
CA GLY A 215 15.09 9.82 21.41
C GLY A 215 14.74 11.06 22.22
N ARG A 216 15.70 11.52 23.02
CA ARG A 216 15.53 12.69 23.90
C ARG A 216 14.77 13.86 23.30
N LYS A 217 15.36 14.49 22.29
CA LYS A 217 14.76 15.65 21.61
C LYS A 217 13.49 15.36 20.82
N ILE A 218 13.49 14.35 19.94
CA ILE A 218 12.28 14.07 19.14
C ILE A 218 11.06 13.59 19.91
N SER A 219 11.22 13.23 21.19
CA SER A 219 10.09 12.79 22.02
C SER A 219 9.28 14.04 22.31
N VAL A 220 10.00 15.14 22.46
CA VAL A 220 9.43 16.45 22.73
C VAL A 220 8.85 16.97 21.43
N ASP A 221 9.35 16.41 20.33
CA ASP A 221 8.88 16.75 18.98
C ASP A 221 7.70 15.85 18.61
N SER A 222 7.65 14.68 19.22
CA SER A 222 6.54 13.77 19.02
C SER A 222 5.44 14.33 19.94
N ALA A 223 5.84 14.74 21.14
CA ALA A 223 4.96 15.30 22.14
C ALA A 223 4.31 16.60 21.67
N THR A 224 5.10 17.47 21.05
CA THR A 224 4.62 18.75 20.52
C THR A 224 4.19 18.59 19.06
N MET A 225 4.67 17.51 18.44
CA MET A 225 4.40 17.18 17.05
C MET A 225 5.09 18.18 16.16
N MET A 226 6.20 18.72 16.67
CA MET A 226 6.99 19.64 15.89
C MET A 226 7.70 18.74 14.90
N ASN A 227 7.72 17.44 15.22
CA ASN A 227 8.35 16.43 14.38
C ASN A 227 7.50 16.12 13.16
N LYS A 228 6.24 15.82 13.41
CA LYS A 228 5.34 15.57 12.30
C LYS A 228 5.42 16.80 11.40
N GLY A 229 5.02 17.95 11.94
CA GLY A 229 5.07 19.18 11.17
C GLY A 229 6.33 19.39 10.34
N LEU A 230 7.50 19.00 10.86
CA LEU A 230 8.74 19.18 10.10
C LEU A 230 8.82 18.19 8.94
N GLU A 231 8.09 17.08 9.08
CA GLU A 231 8.03 16.03 8.06
C GLU A 231 6.98 16.44 7.03
N TYR A 232 6.18 17.44 7.39
CA TYR A 232 5.15 18.02 6.53
C TYR A 232 5.96 18.86 5.52
N ILE A 233 6.93 19.59 6.06
CA ILE A 233 7.84 20.43 5.29
C ILE A 233 8.64 19.58 4.27
N GLU A 234 9.26 18.48 4.69
CA GLU A 234 10.02 17.66 3.76
C GLU A 234 9.08 16.98 2.75
N ALA A 235 7.94 16.50 3.24
CA ALA A 235 6.94 15.80 2.41
C ALA A 235 6.58 16.69 1.23
N ARG A 236 6.13 17.89 1.55
CA ARG A 236 5.74 18.90 0.59
C ARG A 236 6.81 19.06 -0.50
N TRP A 237 8.08 19.22 -0.12
CA TRP A 237 9.13 19.39 -1.12
C TRP A 237 9.40 18.09 -1.85
N LEU A 238 9.59 17.03 -1.07
CA LEU A 238 9.92 15.72 -1.61
C LEU A 238 8.97 15.19 -2.65
N PHE A 239 7.69 15.24 -2.35
CA PHE A 239 6.65 14.71 -3.22
C PHE A 239 5.98 15.71 -4.14
N ASN A 240 6.39 16.97 -4.03
CA ASN A 240 5.80 18.04 -4.84
C ASN A 240 4.30 18.12 -4.51
N ALA A 241 4.01 18.55 -3.29
CA ALA A 241 2.62 18.66 -2.85
C ALA A 241 2.28 20.06 -2.36
N SER A 242 1.01 20.42 -2.47
CA SER A 242 0.50 21.71 -2.02
C SER A 242 -0.29 21.39 -0.74
N ALA A 243 -0.39 22.34 0.19
CA ALA A 243 -1.09 22.10 1.46
C ALA A 243 -2.47 21.41 1.40
N SER A 244 -3.06 21.44 0.20
CA SER A 244 -4.37 20.84 -0.05
C SER A 244 -4.18 19.36 -0.36
N GLN A 245 -3.03 19.05 -0.94
CA GLN A 245 -2.70 17.67 -1.30
C GLN A 245 -1.97 16.99 -0.13
N MET A 246 -2.04 17.61 1.06
CA MET A 246 -1.41 17.05 2.26
C MET A 246 -2.46 16.80 3.37
N GLU A 247 -2.14 15.83 4.22
CA GLU A 247 -2.98 15.47 5.34
C GLU A 247 -2.11 14.92 6.44
N VAL A 248 -2.40 15.32 7.67
CA VAL A 248 -1.64 14.88 8.84
C VAL A 248 -2.66 14.15 9.69
N LEU A 249 -2.40 12.89 9.96
CA LEU A 249 -3.33 12.09 10.74
C LEU A 249 -2.66 11.56 12.02
N ILE A 250 -3.40 11.52 13.12
CA ILE A 250 -2.87 10.96 14.35
C ILE A 250 -3.20 9.45 14.30
N HIS A 251 -2.15 8.64 14.28
CA HIS A 251 -2.29 7.18 14.31
C HIS A 251 -1.35 6.77 15.45
N PRO A 252 -1.90 6.68 16.68
CA PRO A 252 -1.21 6.31 17.92
C PRO A 252 -0.31 5.05 17.92
N GLN A 253 -0.75 3.98 17.27
CA GLN A 253 -0.02 2.74 17.29
C GLN A 253 1.19 2.64 16.38
N SER A 254 1.27 3.56 15.43
CA SER A 254 2.38 3.61 14.48
C SER A 254 2.69 2.29 13.77
N VAL A 255 1.66 1.59 13.36
CA VAL A 255 1.84 0.34 12.61
C VAL A 255 1.94 0.82 11.18
N ILE A 256 0.94 1.61 10.81
CA ILE A 256 0.83 2.24 9.50
C ILE A 256 1.85 3.38 9.57
N HIS A 257 2.88 3.30 8.73
CA HIS A 257 3.92 4.31 8.71
C HIS A 257 3.52 5.62 8.01
N SER A 258 2.51 5.54 7.13
CA SER A 258 1.94 6.65 6.38
C SER A 258 1.27 6.13 5.09
N MET A 259 0.34 6.93 4.53
CA MET A 259 -0.41 6.51 3.33
C MET A 259 -0.43 7.50 2.17
N VAL A 260 -1.17 7.15 1.11
CA VAL A 260 -1.35 7.97 -0.10
C VAL A 260 -2.76 7.75 -0.64
N ARG A 261 -3.51 8.86 -0.76
CA ARG A 261 -4.88 8.83 -1.24
C ARG A 261 -4.94 8.97 -2.76
N TYR A 262 -5.79 8.15 -3.40
CA TYR A 262 -5.96 8.16 -4.87
C TYR A 262 -7.38 8.57 -5.28
N GLN A 263 -7.51 8.94 -6.56
CA GLN A 263 -8.78 9.41 -7.15
C GLN A 263 -10.00 8.49 -7.06
N ASP A 264 -9.77 7.19 -7.20
CA ASP A 264 -10.86 6.23 -7.14
C ASP A 264 -11.18 5.84 -5.72
N GLY A 265 -10.51 6.46 -4.75
CA GLY A 265 -10.79 6.17 -3.34
C GLY A 265 -9.80 5.25 -2.65
N SER A 266 -9.00 4.56 -3.44
CA SER A 266 -8.02 3.63 -2.90
C SER A 266 -7.06 4.41 -2.06
N VAL A 267 -6.66 3.83 -0.93
CA VAL A 267 -5.66 4.44 -0.06
C VAL A 267 -4.52 3.40 -0.02
N LEU A 268 -3.35 3.77 -0.48
CA LEU A 268 -2.26 2.84 -0.46
C LEU A 268 -1.46 3.13 0.79
N ALA A 269 -1.04 2.09 1.51
CA ALA A 269 -0.27 2.25 2.75
C ALA A 269 0.89 1.26 2.95
N GLN A 270 1.77 1.56 3.90
CA GLN A 270 2.89 0.67 4.21
C GLN A 270 2.91 0.48 5.71
N LEU A 271 3.21 -0.74 6.14
CA LEU A 271 3.30 -1.06 7.55
C LEU A 271 4.38 -2.10 7.76
N GLY A 272 4.88 -2.16 8.98
CA GLY A 272 5.91 -3.13 9.30
C GLY A 272 6.35 -2.79 10.70
N GLU A 273 7.45 -3.40 11.16
CA GLU A 273 7.99 -3.13 12.49
C GLU A 273 8.65 -1.75 12.49
N PRO A 274 8.79 -1.12 13.65
CA PRO A 274 9.43 0.20 13.66
C PRO A 274 10.92 0.19 13.23
N ASP A 275 11.53 -0.99 13.12
CA ASP A 275 12.95 -1.17 12.72
C ASP A 275 13.33 -0.40 11.49
N MET A 276 14.38 0.43 11.56
CA MET A 276 14.82 1.23 10.40
C MET A 276 15.51 0.41 9.28
N ARG A 277 15.80 -0.86 9.52
CA ARG A 277 16.43 -1.70 8.48
C ARG A 277 15.46 -2.01 7.31
N THR A 278 14.15 -1.80 7.55
CA THR A 278 13.09 -2.01 6.56
C THR A 278 13.19 -0.93 5.49
N PRO A 279 13.12 0.36 5.89
CA PRO A 279 13.23 1.40 4.87
C PRO A 279 14.67 1.56 4.40
N ILE A 280 15.64 1.14 5.20
CA ILE A 280 17.02 1.27 4.73
C ILE A 280 17.23 0.21 3.71
N ALA A 281 16.58 -0.93 3.87
CA ALA A 281 16.68 -2.05 2.90
C ALA A 281 15.90 -1.78 1.60
N HIS A 282 14.71 -1.21 1.74
CA HIS A 282 13.87 -0.87 0.59
C HIS A 282 14.63 0.06 -0.35
N THR A 283 15.08 1.21 0.18
CA THR A 283 15.82 2.24 -0.57
C THR A 283 17.08 1.70 -1.21
N MET A 284 17.83 0.88 -0.48
CA MET A 284 19.05 0.29 -1.02
C MET A 284 18.78 -0.72 -2.15
N ALA A 285 17.80 -1.62 -1.94
CA ALA A 285 17.43 -2.67 -2.91
C ALA A 285 16.67 -2.20 -4.16
N TRP A 286 15.87 -1.14 -3.99
CA TRP A 286 15.07 -0.55 -5.05
C TRP A 286 15.70 -0.58 -6.46
N PRO A 287 14.86 -0.85 -7.47
CA PRO A 287 13.43 -1.11 -7.40
C PRO A 287 13.08 -2.54 -7.00
N ASN A 288 14.09 -3.30 -6.56
CA ASN A 288 13.94 -4.69 -6.10
C ASN A 288 13.85 -4.65 -4.56
N ARG A 289 14.01 -5.82 -3.92
CA ARG A 289 13.97 -5.93 -2.43
C ARG A 289 15.01 -6.92 -1.89
N VAL A 290 15.30 -6.81 -0.60
CA VAL A 290 16.26 -7.70 0.03
C VAL A 290 15.80 -7.91 1.45
N ASN A 291 16.41 -8.86 2.14
CA ASN A 291 16.05 -9.10 3.52
C ASN A 291 16.81 -8.07 4.31
N SER A 292 16.35 -7.82 5.53
CA SER A 292 16.97 -6.82 6.36
C SER A 292 17.22 -7.40 7.75
N GLY A 293 16.58 -8.54 8.00
CA GLY A 293 16.71 -9.19 9.30
C GLY A 293 15.65 -8.66 10.24
N VAL A 294 14.61 -8.05 9.68
CA VAL A 294 13.51 -7.50 10.46
C VAL A 294 12.36 -8.53 10.54
N LYS A 295 11.59 -8.43 11.62
CA LYS A 295 10.46 -9.33 11.92
C LYS A 295 9.20 -9.28 11.03
N PRO A 296 8.72 -10.45 10.55
CA PRO A 296 7.52 -10.31 9.75
C PRO A 296 6.38 -9.85 10.68
N LEU A 297 5.79 -8.71 10.38
CA LEU A 297 4.70 -8.14 11.16
C LEU A 297 3.65 -9.20 11.50
N ASP A 298 3.52 -9.50 12.79
CA ASP A 298 2.56 -10.48 13.29
C ASP A 298 1.23 -9.73 13.52
N PHE A 299 0.37 -9.67 12.50
CA PHE A 299 -0.90 -8.93 12.65
C PHE A 299 -1.76 -9.42 13.78
N CYS A 300 -1.40 -10.57 14.34
CA CYS A 300 -2.14 -11.13 15.45
C CYS A 300 -1.68 -10.44 16.70
N LYS A 301 -0.41 -10.65 17.06
CA LYS A 301 0.18 -10.01 18.24
C LYS A 301 0.31 -8.51 17.91
N LEU A 302 -0.82 -7.81 17.90
CA LEU A 302 -0.94 -6.38 17.55
C LEU A 302 -2.08 -5.62 18.25
N SER A 303 -1.88 -4.30 18.44
CA SER A 303 -2.89 -3.46 19.07
C SER A 303 -3.98 -3.06 18.05
N ALA A 304 -5.14 -2.63 18.53
CA ALA A 304 -6.19 -2.22 17.61
C ALA A 304 -5.72 -0.90 16.96
N LEU A 305 -6.04 -0.67 15.68
CA LEU A 305 -5.62 0.56 15.01
C LEU A 305 -6.66 1.69 14.92
N THR A 306 -6.35 2.82 15.52
CA THR A 306 -7.25 3.99 15.47
C THR A 306 -6.58 5.18 14.82
N PHE A 307 -7.41 6.18 14.50
CA PHE A 307 -6.93 7.38 13.86
C PHE A 307 -7.68 8.57 14.44
N ALA A 308 -7.17 9.75 14.13
CA ALA A 308 -7.74 11.02 14.58
C ALA A 308 -7.02 12.20 13.90
N ALA A 309 -7.66 13.36 13.88
CA ALA A 309 -7.05 14.55 13.29
C ALA A 309 -6.36 15.29 14.41
N PRO A 310 -5.28 16.01 14.09
CA PRO A 310 -4.63 16.71 15.20
C PRO A 310 -5.49 17.90 15.64
N ASP A 311 -5.44 18.22 16.93
CA ASP A 311 -6.16 19.38 17.49
C ASP A 311 -5.10 20.48 17.47
N TYR A 312 -5.18 21.42 16.52
CA TYR A 312 -4.14 22.46 16.42
C TYR A 312 -4.00 23.35 17.66
N ASP A 313 -4.81 23.08 18.67
CA ASP A 313 -4.71 23.79 19.93
C ASP A 313 -3.78 22.93 20.76
N ARG A 314 -4.02 21.62 20.77
CA ARG A 314 -3.15 20.71 21.53
C ARG A 314 -1.73 20.58 20.89
N TYR A 315 -1.61 20.81 19.58
CA TYR A 315 -0.30 20.71 18.94
C TYR A 315 -0.05 21.96 18.10
N PRO A 316 0.34 23.07 18.74
CA PRO A 316 0.62 24.34 18.05
C PRO A 316 1.85 24.28 17.13
N CYS A 317 2.86 23.52 17.54
CA CYS A 317 4.10 23.36 16.77
C CYS A 317 3.88 22.86 15.35
N LEU A 318 2.69 22.29 15.10
CA LEU A 318 2.30 21.76 13.79
C LEU A 318 1.66 22.87 12.92
N LYS A 319 0.82 23.73 13.51
CA LYS A 319 0.22 24.81 12.74
C LYS A 319 1.37 25.77 12.38
N LEU A 320 2.31 25.92 13.31
CA LEU A 320 3.47 26.80 13.13
C LEU A 320 4.25 26.32 11.91
N ALA A 321 4.65 25.04 11.94
CA ALA A 321 5.40 24.43 10.84
C ALA A 321 4.65 24.46 9.51
N MET A 322 3.33 24.47 9.55
CA MET A 322 2.53 24.52 8.32
C MET A 322 2.54 25.93 7.74
N GLU A 323 2.36 26.92 8.61
CA GLU A 323 2.37 28.32 8.20
C GLU A 323 3.82 28.69 7.87
N ALA A 324 4.76 28.11 8.61
CA ALA A 324 6.17 28.37 8.38
C ALA A 324 6.55 28.03 6.94
N PHE A 325 5.99 26.95 6.40
CA PHE A 325 6.29 26.52 5.03
C PHE A 325 5.80 27.57 4.04
N GLU A 326 4.64 28.16 4.33
CA GLU A 326 4.02 29.18 3.50
C GLU A 326 4.82 30.49 3.46
N GLN A 327 5.77 30.64 4.37
CA GLN A 327 6.59 31.85 4.43
C GLN A 327 7.95 31.74 3.71
N GLY A 328 8.43 30.53 3.47
CA GLY A 328 9.70 30.38 2.79
C GLY A 328 10.72 29.61 3.60
N GLN A 329 11.80 29.19 2.93
CA GLN A 329 12.86 28.42 3.54
C GLN A 329 13.60 29.13 4.67
N ALA A 330 13.36 30.42 4.84
CA ALA A 330 14.03 31.14 5.92
C ALA A 330 13.22 30.91 7.19
N ALA A 331 11.89 30.87 7.05
CA ALA A 331 10.98 30.67 8.18
C ALA A 331 11.05 29.26 8.75
N THR A 332 11.23 28.25 7.87
CA THR A 332 11.32 26.86 8.32
C THR A 332 12.73 26.52 8.85
N THR A 333 13.76 27.15 8.29
CA THR A 333 15.15 26.92 8.71
C THR A 333 15.35 27.48 10.10
N ALA A 334 14.66 28.58 10.35
CA ALA A 334 14.70 29.28 11.61
C ALA A 334 13.71 28.67 12.59
N LEU A 335 12.75 27.92 12.06
CA LEU A 335 11.75 27.26 12.89
C LEU A 335 12.37 25.98 13.39
N ASN A 336 13.15 25.35 12.53
CA ASN A 336 13.83 24.12 12.89
C ASN A 336 14.89 24.49 13.93
N ALA A 337 15.54 25.62 13.69
CA ALA A 337 16.60 26.17 14.56
C ALA A 337 16.15 26.54 15.98
N ALA A 338 15.22 27.49 16.09
CA ALA A 338 14.70 27.94 17.37
C ALA A 338 14.11 26.78 18.17
N ASN A 339 13.59 25.79 17.45
CA ASN A 339 12.98 24.61 18.08
C ASN A 339 13.99 23.79 18.82
N GLU A 340 15.20 23.64 18.26
CA GLU A 340 16.23 22.86 18.94
C GLU A 340 16.70 23.54 20.21
N ILE A 341 16.66 24.88 20.20
CA ILE A 341 17.04 25.70 21.35
C ILE A 341 16.00 25.43 22.42
N THR A 342 14.77 25.89 22.15
CA THR A 342 13.65 25.72 23.07
C THR A 342 13.44 24.30 23.62
N VAL A 343 13.36 23.31 22.74
CA VAL A 343 13.17 21.94 23.21
C VAL A 343 14.23 21.70 24.25
N ALA A 344 15.45 22.07 23.88
CA ALA A 344 16.60 21.93 24.75
C ALA A 344 16.40 22.67 26.07
N ALA A 345 15.81 23.87 26.00
CA ALA A 345 15.54 24.66 27.21
C ALA A 345 14.62 23.84 28.10
N PHE A 346 13.61 23.24 27.48
CA PHE A 346 12.63 22.41 28.20
C PHE A 346 13.22 21.16 28.87
N LEU A 347 14.19 20.52 28.21
CA LEU A 347 14.83 19.31 28.72
C LEU A 347 15.78 19.62 29.89
N ALA A 348 16.28 20.86 29.95
CA ALA A 348 17.18 21.31 31.02
C ALA A 348 16.38 22.00 32.14
N GLN A 349 15.09 22.22 31.87
CA GLN A 349 14.16 22.85 32.81
C GLN A 349 14.38 24.34 32.96
N GLN A 350 14.13 25.08 31.90
CA GLN A 350 14.28 26.53 31.89
C GLN A 350 12.96 27.17 31.50
N ILE A 351 12.16 26.38 30.79
CA ILE A 351 10.88 26.86 30.34
C ILE A 351 9.93 25.67 30.42
N ARG A 352 8.63 25.98 30.56
CA ARG A 352 7.56 24.97 30.66
C ARG A 352 7.43 24.19 29.34
N PHE A 353 6.70 23.08 29.36
CA PHE A 353 6.53 22.31 28.13
C PHE A 353 5.83 23.16 27.06
N THR A 354 4.78 23.82 27.51
CA THR A 354 3.94 24.67 26.67
C THR A 354 4.70 25.93 26.16
N ASP A 355 5.95 26.09 26.59
CA ASP A 355 6.74 27.25 26.17
C ASP A 355 7.52 27.04 24.88
N ILE A 356 7.69 25.78 24.48
CA ILE A 356 8.41 25.46 23.24
C ILE A 356 7.64 26.01 22.04
N ALA A 357 6.33 25.74 22.05
CA ALA A 357 5.42 26.18 21.00
C ALA A 357 5.41 27.72 20.91
N ALA A 358 5.11 28.37 22.02
CA ALA A 358 5.04 29.83 22.09
C ALA A 358 6.33 30.59 21.70
N LEU A 359 7.47 30.03 22.09
CA LEU A 359 8.75 30.66 21.78
C LEU A 359 9.18 30.42 20.35
N ASN A 360 9.02 29.20 19.85
CA ASN A 360 9.40 28.93 18.47
C ASN A 360 8.55 29.86 17.63
N LEU A 361 7.33 30.09 18.11
CA LEU A 361 6.38 30.97 17.45
C LEU A 361 7.01 32.34 17.33
N SER A 362 7.31 32.92 18.50
CA SER A 362 7.90 34.25 18.64
C SER A 362 9.11 34.50 17.74
N VAL A 363 10.16 33.70 17.87
CA VAL A 363 11.35 33.87 17.05
C VAL A 363 10.93 34.02 15.58
N LEU A 364 9.98 33.18 15.14
CA LEU A 364 9.49 33.20 13.76
C LEU A 364 8.88 34.57 13.44
N GLU A 365 8.29 35.18 14.47
CA GLU A 365 7.66 36.50 14.34
C GLU A 365 8.78 37.52 14.40
N LYS A 366 9.31 37.69 15.61
CA LYS A 366 10.40 38.62 15.87
C LYS A 366 11.62 38.24 15.01
N MET A 367 11.51 38.47 13.71
CA MET A 367 12.58 38.16 12.76
C MET A 367 12.04 38.29 11.34
N ASP A 368 12.27 39.43 10.70
CA ASP A 368 11.80 39.62 9.31
C ASP A 368 12.91 38.99 8.46
N MET A 369 12.63 37.79 7.97
CA MET A 369 13.56 37.02 7.17
C MET A 369 13.41 37.19 5.66
N ARG A 370 14.40 36.67 4.93
CA ARG A 370 14.43 36.73 3.48
C ARG A 370 14.97 35.43 2.92
N GLU A 371 14.16 34.74 2.12
CA GLU A 371 14.54 33.47 1.51
C GLU A 371 16.04 33.31 1.26
N PRO A 372 16.64 32.17 1.69
CA PRO A 372 18.07 31.88 1.50
C PRO A 372 18.39 31.74 0.03
N GLN A 373 19.53 31.13 -0.29
CA GLN A 373 19.89 30.93 -1.70
C GLN A 373 21.04 29.94 -1.90
N CYS A 374 21.54 29.37 -0.79
CA CYS A 374 22.63 28.40 -0.84
C CYS A 374 22.78 27.73 0.53
N VAL A 375 23.77 26.86 0.67
CA VAL A 375 24.01 26.19 1.94
C VAL A 375 24.55 27.15 3.00
N ASP A 376 24.79 28.40 2.62
CA ASP A 376 25.31 29.43 3.54
C ASP A 376 24.24 30.39 4.03
N ASP A 377 23.30 30.71 3.15
CA ASP A 377 22.20 31.58 3.52
C ASP A 377 21.45 30.85 4.63
N VAL A 378 21.27 29.55 4.42
CA VAL A 378 20.58 28.69 5.37
C VAL A 378 21.29 28.57 6.72
N LEU A 379 22.63 28.49 6.67
CA LEU A 379 23.41 28.38 7.91
C LEU A 379 23.18 29.64 8.73
N SER A 380 23.32 30.77 8.05
CA SER A 380 23.14 32.05 8.71
C SER A 380 21.75 32.18 9.32
N VAL A 381 20.70 31.98 8.54
CA VAL A 381 19.34 32.10 9.06
C VAL A 381 19.20 31.24 10.31
N ASP A 382 20.00 30.19 10.39
CA ASP A 382 19.96 29.31 11.54
C ASP A 382 20.61 29.95 12.77
N ALA A 383 21.79 30.56 12.58
CA ALA A 383 22.52 31.20 13.67
C ALA A 383 21.88 32.48 14.21
N ASN A 384 20.98 33.07 13.43
CA ASN A 384 20.27 34.28 13.83
C ASN A 384 19.00 33.90 14.55
N ALA A 385 18.44 32.76 14.15
CA ALA A 385 17.23 32.23 14.74
C ALA A 385 17.56 31.60 16.09
N ARG A 386 18.71 30.92 16.14
CA ARG A 386 19.15 30.30 17.39
C ARG A 386 19.31 31.42 18.40
N GLU A 387 19.94 32.50 17.96
CA GLU A 387 20.18 33.66 18.82
C GLU A 387 18.91 34.36 19.29
N VAL A 388 17.90 34.45 18.43
CA VAL A 388 16.65 35.10 18.84
C VAL A 388 15.97 34.13 19.83
N ALA A 389 16.37 32.87 19.72
CA ALA A 389 15.85 31.78 20.55
C ALA A 389 16.58 31.66 21.89
N ARG A 390 17.91 31.51 21.84
CA ARG A 390 18.71 31.41 23.07
C ARG A 390 18.42 32.62 23.92
N LYS A 391 18.27 33.76 23.25
CA LYS A 391 17.99 35.03 23.90
C LYS A 391 16.53 35.09 24.40
N GLU A 392 15.66 34.30 23.79
CA GLU A 392 14.27 34.27 24.21
C GLU A 392 14.03 33.37 25.43
N VAL A 393 14.76 32.26 25.52
CA VAL A 393 14.62 31.36 26.68
C VAL A 393 14.94 32.21 27.91
N MET A 394 15.87 33.14 27.69
CA MET A 394 16.37 34.06 28.72
C MET A 394 15.34 34.95 29.41
N ARG A 395 14.51 35.65 28.65
CA ARG A 395 13.53 36.51 29.30
C ARG A 395 12.68 35.75 30.32
N LEU A 396 12.80 34.42 30.31
CA LEU A 396 12.06 33.55 31.24
C LEU A 396 13.01 32.93 32.25
N ALA A 397 13.71 33.78 33.00
CA ALA A 397 14.68 33.33 34.01
C ALA A 397 14.22 33.71 35.42
N MET B 1 -8.17 7.03 -24.95
CA MET B 1 -9.60 6.70 -25.20
C MET B 1 -9.79 5.20 -25.32
N LYS B 2 -10.00 4.55 -24.18
CA LYS B 2 -10.23 3.09 -24.13
C LYS B 2 -11.67 2.75 -24.56
N GLN B 3 -11.86 1.57 -25.14
CA GLN B 3 -13.18 1.12 -25.58
C GLN B 3 -13.47 -0.23 -24.98
N LEU B 4 -14.62 -0.37 -24.33
CA LEU B 4 -14.91 -1.66 -23.77
C LEU B 4 -16.15 -2.44 -24.18
N THR B 5 -16.22 -3.65 -23.64
CA THR B 5 -17.30 -4.58 -23.83
C THR B 5 -17.56 -5.01 -22.39
N ILE B 6 -18.83 -4.98 -21.98
CA ILE B 6 -19.16 -5.40 -20.63
C ILE B 6 -19.90 -6.72 -20.75
N LEU B 7 -19.55 -7.69 -19.92
CA LEU B 7 -20.27 -8.97 -19.95
C LEU B 7 -21.13 -9.06 -18.65
N GLY B 8 -22.43 -8.77 -18.78
CA GLY B 8 -23.33 -8.75 -17.64
C GLY B 8 -23.61 -7.29 -17.27
N SER B 9 -23.85 -6.47 -18.30
CA SER B 9 -24.08 -5.03 -18.18
C SER B 9 -25.28 -4.58 -17.37
N THR B 10 -26.07 -5.55 -16.89
CA THR B 10 -27.28 -5.23 -16.14
C THR B 10 -27.18 -5.46 -14.64
N GLY B 11 -26.27 -6.35 -14.22
CA GLY B 11 -26.11 -6.64 -12.81
C GLY B 11 -25.48 -5.48 -12.05
N SER B 12 -25.11 -5.73 -10.80
CA SER B 12 -24.51 -4.71 -9.95
C SER B 12 -23.19 -4.13 -10.47
N ILE B 13 -22.22 -5.01 -10.65
CA ILE B 13 -20.92 -4.62 -11.13
C ILE B 13 -21.03 -4.02 -12.53
N GLY B 14 -22.04 -4.44 -13.28
CA GLY B 14 -22.20 -3.86 -14.60
C GLY B 14 -22.55 -2.38 -14.49
N CYS B 15 -23.59 -2.07 -13.73
CA CYS B 15 -24.06 -0.70 -13.56
C CYS B 15 -23.00 0.22 -12.95
N SER B 16 -22.21 -0.33 -12.02
CA SER B 16 -21.11 0.40 -11.38
C SER B 16 -20.04 0.76 -12.42
N THR B 17 -19.78 -0.16 -13.36
CA THR B 17 -18.81 0.04 -14.46
C THR B 17 -19.41 1.02 -15.45
N LEU B 18 -20.75 1.07 -15.49
CA LEU B 18 -21.47 1.99 -16.35
C LEU B 18 -21.50 3.38 -15.69
N ASP B 19 -21.48 3.39 -14.36
CA ASP B 19 -21.43 4.65 -13.62
C ASP B 19 -19.96 5.18 -13.73
N VAL B 20 -18.98 4.26 -13.84
CA VAL B 20 -17.58 4.67 -13.99
C VAL B 20 -17.36 5.30 -15.38
N VAL B 21 -17.96 4.72 -16.41
CA VAL B 21 -17.85 5.24 -17.78
C VAL B 21 -18.57 6.57 -17.89
N ARG B 22 -19.72 6.66 -17.23
CA ARG B 22 -20.54 7.85 -17.24
C ARG B 22 -19.77 9.09 -16.77
N HIS B 23 -19.16 9.02 -15.59
CA HIS B 23 -18.42 10.15 -15.02
C HIS B 23 -17.01 10.39 -15.60
N ASN B 24 -16.61 9.56 -16.56
CA ASN B 24 -15.30 9.67 -17.24
C ASN B 24 -15.48 9.34 -18.73
N PRO B 25 -16.49 9.97 -19.37
CA PRO B 25 -16.76 9.73 -20.79
C PRO B 25 -15.60 10.06 -21.69
N GLU B 26 -14.67 10.85 -21.17
CA GLU B 26 -13.52 11.26 -21.96
C GLU B 26 -12.51 10.13 -22.17
N HIS B 27 -12.60 9.07 -21.38
CA HIS B 27 -11.65 7.97 -21.50
C HIS B 27 -12.26 6.63 -21.85
N PHE B 28 -13.58 6.47 -21.64
CA PHE B 28 -14.22 5.18 -21.94
C PHE B 28 -15.37 5.29 -22.91
N ARG B 29 -15.62 4.18 -23.60
CA ARG B 29 -16.70 4.05 -24.59
C ARG B 29 -17.19 2.61 -24.65
N VAL B 30 -18.51 2.42 -24.75
CA VAL B 30 -19.04 1.06 -24.85
C VAL B 30 -19.21 0.71 -26.32
N VAL B 31 -18.73 -0.47 -26.66
CA VAL B 31 -18.80 -0.97 -28.02
C VAL B 31 -19.79 -2.11 -28.00
N ALA B 32 -20.01 -2.67 -26.82
CA ALA B 32 -20.94 -3.75 -26.75
C ALA B 32 -21.41 -3.97 -25.34
N LEU B 33 -22.70 -4.31 -25.21
CA LEU B 33 -23.31 -4.59 -23.92
C LEU B 33 -23.81 -6.01 -24.03
N VAL B 34 -23.61 -6.79 -22.98
CA VAL B 34 -24.04 -8.18 -22.92
C VAL B 34 -24.82 -8.36 -21.61
N ALA B 35 -26.05 -8.86 -21.73
CA ALA B 35 -26.86 -9.10 -20.54
C ALA B 35 -27.46 -10.52 -20.58
N GLY B 36 -28.49 -10.75 -19.78
CA GLY B 36 -29.09 -12.07 -19.75
C GLY B 36 -30.57 -12.10 -20.10
N LYS B 37 -31.36 -11.41 -19.29
CA LYS B 37 -32.78 -11.37 -19.52
C LYS B 37 -33.36 -9.98 -19.32
N ASN B 38 -32.77 -9.18 -18.42
CA ASN B 38 -33.26 -7.82 -18.17
C ASN B 38 -33.17 -6.96 -19.43
N VAL B 39 -34.16 -7.12 -20.31
CA VAL B 39 -34.26 -6.37 -21.55
C VAL B 39 -34.49 -4.94 -21.14
N THR B 40 -35.26 -4.80 -20.05
CA THR B 40 -35.68 -3.54 -19.42
C THR B 40 -34.57 -2.54 -19.05
N ARG B 41 -33.54 -2.99 -18.32
CA ARG B 41 -32.44 -2.09 -17.97
C ARG B 41 -31.48 -1.96 -19.14
N MET B 42 -31.44 -3.02 -19.98
CA MET B 42 -30.59 -3.11 -21.17
C MET B 42 -30.90 -2.04 -22.20
N VAL B 43 -32.19 -1.75 -22.36
CA VAL B 43 -32.59 -0.72 -23.31
C VAL B 43 -32.04 0.60 -22.78
N GLU B 44 -32.43 0.94 -21.57
CA GLU B 44 -31.99 2.16 -20.94
C GLU B 44 -30.48 2.39 -21.13
N GLN B 45 -29.68 1.37 -20.85
CA GLN B 45 -28.22 1.45 -20.98
C GLN B 45 -27.84 1.64 -22.45
N CYS B 46 -28.45 0.86 -23.32
CA CYS B 46 -28.19 0.96 -24.77
C CYS B 46 -28.59 2.36 -25.21
N LEU B 47 -29.63 2.88 -24.57
CA LEU B 47 -30.10 4.21 -24.90
C LEU B 47 -29.11 5.24 -24.38
N GLU B 48 -28.57 5.01 -23.18
CA GLU B 48 -27.61 5.95 -22.63
C GLU B 48 -26.21 5.93 -23.25
N PHE B 49 -25.56 4.76 -23.31
CA PHE B 49 -24.20 4.70 -23.86
C PHE B 49 -24.08 4.36 -25.36
N SER B 50 -25.16 3.81 -25.91
CA SER B 50 -25.25 3.43 -27.31
C SER B 50 -24.09 2.55 -27.82
N PRO B 51 -24.01 1.32 -27.29
CA PRO B 51 -22.93 0.43 -27.72
C PRO B 51 -23.28 -0.03 -29.13
N ARG B 52 -22.29 -0.44 -29.92
CA ARG B 52 -22.61 -0.91 -31.26
C ARG B 52 -23.26 -2.28 -31.20
N TYR B 53 -23.33 -2.85 -30.00
CA TYR B 53 -23.95 -4.14 -29.79
C TYR B 53 -24.55 -4.34 -28.43
N ALA B 54 -25.60 -5.14 -28.44
CA ALA B 54 -26.29 -5.51 -27.23
C ALA B 54 -26.48 -7.00 -27.50
N VAL B 55 -26.37 -7.84 -26.49
CA VAL B 55 -26.55 -9.27 -26.68
C VAL B 55 -27.32 -9.76 -25.48
N MET B 56 -28.31 -10.62 -25.73
CA MET B 56 -29.11 -11.18 -24.66
C MET B 56 -28.89 -12.68 -24.72
N ASP B 57 -29.38 -13.40 -23.72
CA ASP B 57 -29.20 -14.83 -23.69
C ASP B 57 -30.07 -15.63 -24.66
N ASP B 58 -31.25 -15.11 -25.01
CA ASP B 58 -32.13 -15.81 -25.96
C ASP B 58 -32.84 -14.89 -26.97
N GLU B 59 -33.26 -15.46 -28.11
CA GLU B 59 -33.93 -14.69 -29.16
C GLU B 59 -35.22 -14.14 -28.62
N ALA B 60 -35.94 -14.96 -27.87
CA ALA B 60 -37.15 -14.48 -27.27
C ALA B 60 -36.83 -13.04 -26.76
N SER B 61 -35.93 -12.94 -25.78
CA SER B 61 -35.52 -11.65 -25.20
C SER B 61 -35.06 -10.58 -26.20
N ALA B 62 -34.18 -10.96 -27.13
CA ALA B 62 -33.61 -10.02 -28.10
C ALA B 62 -34.61 -9.44 -29.11
N LYS B 63 -35.58 -10.25 -29.51
CA LYS B 63 -36.62 -9.83 -30.46
C LYS B 63 -37.47 -8.73 -29.79
N LEU B 64 -37.39 -8.66 -28.46
CA LEU B 64 -38.13 -7.66 -27.68
C LEU B 64 -37.27 -6.44 -27.43
N LEU B 65 -35.98 -6.68 -27.15
CA LEU B 65 -35.03 -5.61 -26.92
C LEU B 65 -34.83 -4.94 -28.26
N LYS B 66 -34.77 -5.76 -29.32
CA LYS B 66 -34.59 -5.31 -30.69
C LYS B 66 -35.72 -4.35 -31.05
N THR B 67 -36.87 -4.58 -30.41
CA THR B 67 -38.13 -3.83 -30.57
C THR B 67 -38.26 -2.50 -29.82
N MET B 68 -37.91 -2.48 -28.54
CA MET B 68 -38.00 -1.26 -27.76
C MET B 68 -36.92 -0.28 -28.23
N LEU B 69 -35.82 -0.82 -28.78
CA LEU B 69 -34.68 -0.05 -29.31
C LEU B 69 -35.18 0.58 -30.61
N GLN B 70 -35.99 -0.20 -31.32
CA GLN B 70 -36.63 0.20 -32.56
C GLN B 70 -37.49 1.42 -32.21
N GLN B 71 -38.29 1.26 -31.14
CA GLN B 71 -39.16 2.32 -30.62
C GLN B 71 -38.41 3.64 -30.52
N GLN B 72 -37.26 3.62 -29.85
CA GLN B 72 -36.46 4.83 -29.62
C GLN B 72 -35.51 5.20 -30.75
N GLY B 73 -35.28 4.28 -31.67
CA GLY B 73 -34.40 4.56 -32.79
C GLY B 73 -32.95 4.18 -32.53
N SER B 74 -32.73 3.42 -31.46
CA SER B 74 -31.39 2.99 -31.10
C SER B 74 -30.82 2.15 -32.20
N ARG B 75 -29.83 2.69 -32.89
CA ARG B 75 -29.18 1.99 -33.99
C ARG B 75 -28.52 0.71 -33.50
N THR B 76 -28.33 0.62 -32.17
CA THR B 76 -27.70 -0.55 -31.55
C THR B 76 -28.20 -1.85 -32.18
N GLU B 77 -27.27 -2.69 -32.63
CA GLU B 77 -27.66 -3.95 -33.25
C GLU B 77 -27.76 -5.05 -32.22
N VAL B 78 -28.87 -5.79 -32.26
CA VAL B 78 -29.13 -6.85 -31.30
C VAL B 78 -28.89 -8.28 -31.78
N LEU B 79 -28.09 -9.00 -30.98
CA LEU B 79 -27.73 -10.41 -31.23
C LEU B 79 -28.14 -11.28 -30.06
N SER B 80 -27.90 -12.58 -30.18
CA SER B 80 -28.30 -13.44 -29.11
C SER B 80 -27.35 -14.59 -28.81
N GLY B 81 -27.69 -15.36 -27.78
CA GLY B 81 -26.90 -16.52 -27.38
C GLY B 81 -25.49 -16.29 -26.94
N GLN B 82 -24.81 -17.40 -26.65
CA GLN B 82 -23.42 -17.42 -26.19
C GLN B 82 -22.36 -16.96 -27.20
N GLN B 83 -22.44 -17.47 -28.42
CA GLN B 83 -21.48 -17.08 -29.44
C GLN B 83 -21.43 -15.56 -29.53
N ALA B 84 -22.60 -14.94 -29.51
CA ALA B 84 -22.70 -13.47 -29.58
C ALA B 84 -21.80 -12.79 -28.54
N ALA B 85 -21.88 -13.26 -27.30
CA ALA B 85 -21.10 -12.72 -26.20
C ALA B 85 -19.59 -12.91 -26.40
N CYS B 86 -19.19 -14.15 -26.73
CA CYS B 86 -17.78 -14.48 -26.96
C CYS B 86 -17.27 -13.56 -28.06
N ASP B 87 -18.14 -13.28 -29.01
CA ASP B 87 -17.78 -12.42 -30.13
C ASP B 87 -17.64 -10.98 -29.69
N MET B 88 -18.38 -10.61 -28.64
CA MET B 88 -18.32 -9.24 -28.13
C MET B 88 -17.07 -9.12 -27.30
N ALA B 89 -16.64 -10.25 -26.75
CA ALA B 89 -15.44 -10.29 -25.93
C ALA B 89 -14.16 -10.32 -26.81
N ALA B 90 -14.30 -10.85 -28.02
CA ALA B 90 -13.18 -10.97 -28.94
C ALA B 90 -13.17 -9.85 -29.98
N LEU B 91 -14.20 -9.00 -29.93
CA LEU B 91 -14.31 -7.90 -30.87
C LEU B 91 -12.96 -7.28 -31.15
N GLU B 92 -12.67 -7.13 -32.44
CA GLU B 92 -11.41 -6.58 -32.93
C GLU B 92 -11.03 -5.27 -32.23
N ASP B 93 -11.85 -4.23 -32.40
CA ASP B 93 -11.59 -2.90 -31.86
C ASP B 93 -11.89 -2.63 -30.37
N VAL B 94 -12.09 -3.67 -29.58
CA VAL B 94 -12.36 -3.48 -28.16
C VAL B 94 -11.06 -3.63 -27.37
N ASP B 95 -10.87 -2.76 -26.39
CA ASP B 95 -9.68 -2.76 -25.54
C ASP B 95 -9.81 -3.57 -24.26
N GLN B 96 -10.87 -3.32 -23.50
CA GLN B 96 -11.06 -4.03 -22.24
C GLN B 96 -12.39 -4.76 -22.25
N VAL B 97 -12.53 -5.75 -21.37
CA VAL B 97 -13.75 -6.52 -21.26
C VAL B 97 -14.09 -6.80 -19.81
N MET B 98 -15.18 -6.20 -19.35
CA MET B 98 -15.62 -6.39 -17.98
C MET B 98 -16.33 -7.76 -17.90
N ALA B 99 -15.57 -8.82 -17.60
CA ALA B 99 -16.08 -10.19 -17.49
C ALA B 99 -16.87 -10.38 -16.20
N ALA B 100 -18.04 -9.73 -16.13
CA ALA B 100 -18.93 -9.74 -14.96
C ALA B 100 -20.11 -10.69 -15.03
N ILE B 101 -20.27 -11.40 -16.15
CA ILE B 101 -21.35 -12.37 -16.31
C ILE B 101 -20.89 -13.53 -15.43
N VAL B 102 -21.61 -13.80 -14.36
CA VAL B 102 -21.21 -14.87 -13.43
C VAL B 102 -21.86 -16.22 -13.64
N GLY B 103 -21.20 -17.24 -13.10
CA GLY B 103 -21.65 -18.63 -13.19
C GLY B 103 -20.82 -19.39 -14.20
N ALA B 104 -21.43 -20.37 -14.87
CA ALA B 104 -20.76 -21.17 -15.90
C ALA B 104 -21.07 -20.42 -17.20
N ALA B 105 -22.04 -19.53 -17.10
CA ALA B 105 -22.46 -18.74 -18.23
C ALA B 105 -21.27 -17.99 -18.76
N GLY B 106 -20.45 -17.47 -17.84
CA GLY B 106 -19.27 -16.68 -18.20
C GLY B 106 -17.89 -17.29 -18.49
N LEU B 107 -17.72 -18.60 -18.28
CA LEU B 107 -16.42 -19.22 -18.53
C LEU B 107 -15.95 -19.10 -19.99
N LEU B 108 -16.86 -19.21 -20.95
CA LEU B 108 -16.46 -19.11 -22.34
C LEU B 108 -16.20 -17.70 -22.87
N PRO B 109 -17.04 -16.70 -22.51
CA PRO B 109 -16.83 -15.32 -23.00
C PRO B 109 -15.65 -14.67 -22.29
N THR B 110 -15.38 -15.14 -21.08
CA THR B 110 -14.25 -14.62 -20.33
C THR B 110 -13.06 -15.21 -21.07
N LEU B 111 -13.21 -16.48 -21.43
CA LEU B 111 -12.19 -17.21 -22.16
C LEU B 111 -11.91 -16.55 -23.53
N ALA B 112 -12.98 -16.17 -24.23
CA ALA B 112 -12.88 -15.53 -25.55
C ALA B 112 -12.16 -14.18 -25.47
N ALA B 113 -12.36 -13.47 -24.35
CA ALA B 113 -11.74 -12.17 -24.12
C ALA B 113 -10.24 -12.41 -23.90
N ILE B 114 -9.95 -13.48 -23.16
CA ILE B 114 -8.59 -13.93 -22.83
C ILE B 114 -7.81 -14.33 -24.11
N ARG B 115 -8.37 -15.31 -24.82
CA ARG B 115 -7.80 -15.83 -26.07
C ARG B 115 -7.42 -14.72 -27.06
N ALA B 116 -8.26 -13.68 -27.14
CA ALA B 116 -8.03 -12.55 -28.04
C ALA B 116 -7.00 -11.57 -27.48
N GLY B 117 -6.43 -11.91 -26.32
CA GLY B 117 -5.41 -11.12 -25.66
C GLY B 117 -5.74 -9.71 -25.20
N LYS B 118 -6.90 -9.55 -24.57
CA LYS B 118 -7.38 -8.23 -24.12
C LYS B 118 -7.21 -7.98 -22.65
N THR B 119 -7.17 -6.69 -22.30
CA THR B 119 -7.07 -6.23 -20.90
C THR B 119 -8.36 -6.72 -20.30
N ILE B 120 -8.26 -7.62 -19.33
CA ILE B 120 -9.43 -8.23 -18.72
C ILE B 120 -9.81 -7.83 -17.29
N LEU B 121 -10.84 -6.99 -17.18
CA LEU B 121 -11.38 -6.55 -15.90
C LEU B 121 -12.14 -7.78 -15.34
N LEU B 122 -11.37 -8.70 -14.75
CA LEU B 122 -11.92 -9.95 -14.21
C LEU B 122 -12.85 -9.73 -13.01
N ALA B 123 -14.15 -9.98 -13.22
CA ALA B 123 -15.13 -9.77 -12.17
C ALA B 123 -16.08 -10.94 -11.96
N ASN B 124 -15.52 -12.14 -11.82
CA ASN B 124 -16.30 -13.34 -11.53
C ASN B 124 -15.39 -14.39 -10.89
N LYS B 125 -15.85 -14.97 -9.79
CA LYS B 125 -15.07 -15.96 -9.09
C LYS B 125 -14.84 -17.22 -9.93
N GLU B 126 -15.92 -17.88 -10.32
CA GLU B 126 -15.83 -19.11 -11.12
C GLU B 126 -14.69 -19.20 -12.16
N SER B 127 -14.41 -18.11 -12.86
CA SER B 127 -13.36 -18.13 -13.87
C SER B 127 -12.06 -18.77 -13.44
N LEU B 128 -11.68 -18.60 -12.18
CA LEU B 128 -10.44 -19.17 -11.69
C LEU B 128 -10.67 -20.26 -10.64
N VAL B 129 -11.87 -20.29 -10.06
CA VAL B 129 -12.22 -21.28 -9.05
C VAL B 129 -12.43 -22.66 -9.70
N THR B 130 -12.85 -22.67 -10.97
CA THR B 130 -13.08 -23.91 -11.71
C THR B 130 -12.11 -24.08 -12.88
N CYS B 131 -11.94 -23.05 -13.70
CA CYS B 131 -11.03 -23.09 -14.86
C CYS B 131 -9.74 -22.30 -14.63
N GLY B 132 -9.06 -22.56 -13.51
CA GLY B 132 -7.87 -21.81 -13.20
C GLY B 132 -6.64 -22.24 -13.93
N ARG B 133 -6.48 -23.54 -14.10
CA ARG B 133 -5.31 -24.06 -14.80
C ARG B 133 -5.37 -23.61 -16.27
N LEU B 134 -6.56 -23.73 -16.86
CA LEU B 134 -6.76 -23.39 -18.26
C LEU B 134 -6.68 -21.90 -18.55
N PHE B 135 -7.38 -21.09 -17.74
CA PHE B 135 -7.41 -19.64 -17.94
C PHE B 135 -6.04 -18.97 -17.84
N MET B 136 -5.21 -19.42 -16.91
CA MET B 136 -3.88 -18.83 -16.75
C MET B 136 -2.93 -19.26 -17.86
N ASP B 137 -3.16 -20.44 -18.44
CA ASP B 137 -2.34 -20.91 -19.53
C ASP B 137 -2.77 -20.21 -20.82
N ALA B 138 -4.03 -19.80 -20.87
CA ALA B 138 -4.55 -19.09 -22.04
C ALA B 138 -4.05 -17.64 -21.98
N VAL B 139 -3.75 -17.16 -20.76
CA VAL B 139 -3.21 -15.80 -20.53
C VAL B 139 -1.76 -15.80 -20.97
N LYS B 140 -1.03 -16.84 -20.58
CA LYS B 140 0.37 -16.98 -20.96
C LYS B 140 0.38 -16.92 -22.51
N GLN B 141 -0.32 -17.87 -23.15
CA GLN B 141 -0.43 -17.98 -24.61
C GLN B 141 -0.62 -16.68 -25.43
N SER B 142 -1.55 -15.83 -24.98
CA SER B 142 -1.87 -14.58 -25.69
C SER B 142 -1.52 -13.31 -24.96
N LYS B 143 -0.90 -13.44 -23.78
CA LYS B 143 -0.50 -12.28 -22.98
C LYS B 143 -1.64 -11.30 -22.69
N ALA B 144 -2.78 -11.82 -22.26
CA ALA B 144 -3.92 -10.98 -21.94
C ALA B 144 -3.64 -10.35 -20.58
N GLN B 145 -4.19 -9.16 -20.33
CA GLN B 145 -3.98 -8.47 -19.06
C GLN B 145 -5.11 -8.59 -18.03
N LEU B 146 -4.96 -9.55 -17.12
CA LEU B 146 -5.92 -9.73 -16.04
C LEU B 146 -5.74 -8.54 -15.10
N LEU B 147 -6.86 -7.99 -14.66
CA LEU B 147 -6.87 -6.87 -13.72
C LEU B 147 -8.07 -7.27 -12.84
N PRO B 148 -7.80 -7.89 -11.67
CA PRO B 148 -8.92 -8.30 -10.82
C PRO B 148 -9.70 -7.12 -10.26
N VAL B 149 -11.02 -7.28 -10.23
CA VAL B 149 -11.92 -6.25 -9.73
C VAL B 149 -12.47 -6.62 -8.36
N ASP B 150 -12.23 -7.86 -7.95
CA ASP B 150 -12.70 -8.29 -6.66
C ASP B 150 -12.02 -7.40 -5.61
N SER B 151 -12.79 -6.87 -4.65
CA SER B 151 -12.23 -5.99 -3.62
C SER B 151 -10.88 -6.45 -3.14
N GLU B 152 -10.78 -7.72 -2.74
CA GLU B 152 -9.54 -8.31 -2.22
C GLU B 152 -8.37 -8.44 -3.19
N HIS B 153 -8.59 -9.07 -4.33
CA HIS B 153 -7.51 -9.22 -5.30
C HIS B 153 -7.10 -7.86 -5.86
N ASN B 154 -8.04 -6.94 -5.98
CA ASN B 154 -7.74 -5.60 -6.47
C ASN B 154 -6.75 -5.00 -5.47
N ALA B 155 -7.08 -5.11 -4.19
CA ALA B 155 -6.21 -4.62 -3.14
C ALA B 155 -4.88 -5.37 -3.20
N ILE B 156 -4.89 -6.71 -3.29
CA ILE B 156 -3.62 -7.44 -3.38
C ILE B 156 -2.81 -7.12 -4.66
N PHE B 157 -3.49 -6.81 -5.75
CA PHE B 157 -2.87 -6.48 -7.03
C PHE B 157 -2.24 -5.12 -6.87
N GLN B 158 -3.03 -4.13 -6.46
CA GLN B 158 -2.52 -2.76 -6.29
C GLN B 158 -1.26 -2.78 -5.40
N SER B 159 -1.25 -3.73 -4.47
CA SER B 159 -0.15 -3.82 -3.53
C SER B 159 1.11 -4.56 -3.97
N LEU B 160 1.06 -5.16 -5.16
CA LEU B 160 2.19 -5.89 -5.67
C LEU B 160 3.11 -4.94 -6.41
N PRO B 161 4.31 -5.41 -6.74
CA PRO B 161 5.29 -4.61 -7.46
C PRO B 161 4.89 -4.51 -8.93
N GLN B 162 5.41 -3.53 -9.66
CA GLN B 162 5.06 -3.35 -11.07
C GLN B 162 5.37 -4.51 -12.01
N PRO B 163 6.64 -4.96 -12.07
CA PRO B 163 6.90 -6.07 -12.98
C PRO B 163 6.10 -7.37 -12.73
N ILE B 164 5.23 -7.39 -11.72
CA ILE B 164 4.40 -8.57 -11.47
C ILE B 164 2.98 -8.23 -11.91
N GLN B 165 2.69 -6.93 -11.98
CA GLN B 165 1.38 -6.39 -12.40
C GLN B 165 1.16 -6.53 -13.92
N HIS B 166 2.22 -6.29 -14.72
CA HIS B 166 2.18 -6.37 -16.18
C HIS B 166 2.32 -7.75 -16.77
N ASN B 167 2.70 -8.70 -15.93
CA ASN B 167 2.85 -10.10 -16.29
C ASN B 167 2.02 -10.88 -15.27
N LEU B 168 0.73 -10.58 -15.20
CA LEU B 168 -0.14 -11.22 -14.21
C LEU B 168 -0.29 -12.71 -14.44
N GLY B 169 0.16 -13.48 -13.45
CA GLY B 169 0.05 -14.93 -13.55
C GLY B 169 1.35 -15.64 -13.75
N TYR B 170 2.31 -14.99 -14.42
CA TYR B 170 3.62 -15.59 -14.66
C TYR B 170 4.71 -14.89 -13.84
N ALA B 171 4.43 -13.67 -13.40
CA ALA B 171 5.41 -12.94 -12.60
C ALA B 171 5.55 -13.68 -11.27
N ASP B 172 6.74 -14.22 -11.06
CA ASP B 172 7.02 -14.95 -9.85
C ASP B 172 7.08 -14.00 -8.64
N LEU B 173 6.34 -14.36 -7.59
CA LEU B 173 6.29 -13.58 -6.37
C LEU B 173 7.62 -13.39 -5.74
N GLU B 174 8.08 -14.47 -5.12
CA GLU B 174 9.35 -14.53 -4.40
C GLU B 174 10.57 -13.93 -5.11
N GLN B 175 10.73 -14.17 -6.41
CA GLN B 175 11.88 -13.63 -7.13
C GLN B 175 11.78 -12.10 -7.27
N ASN B 176 10.56 -11.56 -7.19
CA ASN B 176 10.36 -10.11 -7.30
C ASN B 176 10.26 -9.45 -5.91
N GLY B 177 10.67 -10.19 -4.88
CA GLY B 177 10.67 -9.64 -3.54
C GLY B 177 9.45 -9.81 -2.66
N VAL B 178 8.43 -10.55 -3.13
CA VAL B 178 7.20 -10.76 -2.33
C VAL B 178 7.38 -11.97 -1.41
N VAL B 179 7.08 -11.78 -0.13
CA VAL B 179 7.25 -12.85 0.85
C VAL B 179 6.01 -13.73 0.91
N SER B 180 4.86 -13.07 0.78
CA SER B 180 3.56 -13.73 0.79
C SER B 180 2.47 -12.70 0.55
N ILE B 181 1.25 -13.19 0.36
CA ILE B 181 0.09 -12.35 0.10
C ILE B 181 -0.92 -12.47 1.25
N LEU B 182 -1.35 -11.34 1.78
CA LEU B 182 -2.30 -11.34 2.88
C LEU B 182 -3.74 -11.14 2.43
N LEU B 183 -4.44 -12.27 2.36
CA LEU B 183 -5.85 -12.34 1.98
C LEU B 183 -6.63 -12.13 3.29
N THR B 184 -7.33 -11.00 3.37
CA THR B 184 -8.08 -10.63 4.56
C THR B 184 -9.58 -10.79 4.38
N GLY B 185 -10.30 -10.95 5.49
CA GLY B 185 -11.75 -11.09 5.42
C GLY B 185 -12.41 -10.89 6.76
N SER B 186 -13.56 -10.23 6.78
CA SER B 186 -14.29 -9.95 8.02
C SER B 186 -14.29 -11.07 9.07
N GLY B 187 -14.58 -12.29 8.62
CA GLY B 187 -14.60 -13.43 9.54
C GLY B 187 -16.00 -13.95 9.73
N GLY B 188 -16.96 -13.31 9.08
CA GLY B 188 -18.34 -13.72 9.17
C GLY B 188 -19.00 -13.24 10.43
N PRO B 189 -20.34 -13.28 10.50
CA PRO B 189 -21.02 -12.82 11.73
C PRO B 189 -20.96 -13.74 12.94
N PHE B 190 -20.45 -14.95 12.78
CA PHE B 190 -20.37 -15.88 13.89
C PHE B 190 -18.92 -16.09 14.29
N ARG B 191 -18.13 -15.04 14.18
CA ARG B 191 -16.69 -15.12 14.51
C ARG B 191 -16.44 -15.26 16.02
N GLU B 192 -17.37 -14.76 16.82
CA GLU B 192 -17.23 -14.84 18.27
C GLU B 192 -18.32 -15.67 18.95
N THR B 193 -19.06 -16.42 18.14
CA THR B 193 -20.13 -17.29 18.64
C THR B 193 -19.46 -18.55 19.22
N PRO B 194 -19.79 -18.93 20.47
CA PRO B 194 -19.14 -20.14 21.01
C PRO B 194 -19.27 -21.30 20.01
N LEU B 195 -18.28 -22.17 19.91
CA LEU B 195 -18.33 -23.26 18.93
C LEU B 195 -19.58 -24.13 18.86
N ARG B 196 -20.08 -24.60 20.01
CA ARG B 196 -21.31 -25.39 20.02
C ARG B 196 -22.42 -24.36 20.06
N ASP B 197 -22.73 -23.80 18.90
CA ASP B 197 -23.79 -22.81 18.82
C ASP B 197 -23.92 -22.48 17.35
N LEU B 198 -22.95 -22.95 16.58
CA LEU B 198 -22.95 -22.72 15.15
C LEU B 198 -23.99 -23.62 14.53
N ALA B 199 -24.18 -24.80 15.15
CA ALA B 199 -25.16 -25.81 14.72
C ALA B 199 -26.61 -25.31 14.80
N THR B 200 -26.86 -24.42 15.75
CA THR B 200 -28.19 -23.86 15.97
C THR B 200 -28.34 -22.50 15.32
N MET B 201 -27.51 -22.23 14.32
CA MET B 201 -27.60 -20.94 13.65
C MET B 201 -28.66 -20.93 12.57
N THR B 202 -29.39 -19.83 12.53
CA THR B 202 -30.46 -19.65 11.59
C THR B 202 -30.03 -18.78 10.42
N PRO B 203 -30.83 -18.78 9.34
CA PRO B 203 -30.57 -17.99 8.13
C PRO B 203 -30.76 -16.47 8.32
N ASP B 204 -31.52 -16.08 9.34
CA ASP B 204 -31.72 -14.65 9.59
C ASP B 204 -30.52 -14.07 10.33
N GLN B 205 -29.75 -14.96 10.94
CA GLN B 205 -28.57 -14.57 11.69
C GLN B 205 -27.42 -14.30 10.73
N ALA B 206 -27.50 -14.88 9.55
CA ALA B 206 -26.46 -14.72 8.55
C ALA B 206 -27.00 -14.33 7.18
N CYS B 207 -27.29 -13.06 6.97
CA CYS B 207 -27.78 -12.66 5.65
C CYS B 207 -27.75 -11.16 5.38
N ARG B 208 -26.66 -10.71 4.76
CA ARG B 208 -26.43 -9.32 4.38
C ARG B 208 -26.13 -8.35 5.54
N HIS B 209 -25.25 -8.79 6.44
CA HIS B 209 -24.86 -8.03 7.62
C HIS B 209 -23.70 -7.03 7.37
N PRO B 210 -23.95 -5.72 7.60
CA PRO B 210 -23.15 -4.49 7.47
C PRO B 210 -21.60 -4.46 7.44
N ASN B 211 -21.07 -3.30 7.06
CA ASN B 211 -19.63 -3.04 6.95
C ASN B 211 -18.96 -3.82 5.82
N TRP B 212 -19.43 -3.59 4.61
CA TRP B 212 -18.91 -4.26 3.41
C TRP B 212 -19.45 -5.68 3.27
N SER B 213 -20.78 -5.81 3.27
CA SER B 213 -21.44 -7.12 3.15
C SER B 213 -22.97 -7.02 2.86
N MET B 214 -23.42 -7.58 1.72
CA MET B 214 -24.83 -7.54 1.35
C MET B 214 -25.21 -8.54 0.22
N GLY B 215 -25.43 -9.80 0.59
CA GLY B 215 -25.79 -10.83 -0.36
C GLY B 215 -26.21 -12.14 0.30
N ARG B 216 -27.39 -12.65 -0.07
CA ARG B 216 -27.95 -13.88 0.48
C ARG B 216 -26.96 -15.05 0.64
N LYS B 217 -26.42 -15.51 -0.48
CA LYS B 217 -25.48 -16.63 -0.50
C LYS B 217 -24.08 -16.38 0.04
N ILE B 218 -23.44 -15.25 -0.30
CA ILE B 218 -22.08 -15.00 0.21
C ILE B 218 -22.04 -14.60 1.66
N SER B 219 -23.20 -14.28 2.22
CA SER B 219 -23.27 -13.91 3.62
C SER B 219 -22.99 -15.20 4.40
N VAL B 220 -23.45 -16.31 3.82
CA VAL B 220 -23.27 -17.64 4.38
C VAL B 220 -21.85 -18.11 4.10
N ASP B 221 -21.25 -17.53 3.06
CA ASP B 221 -19.88 -17.84 2.67
C ASP B 221 -18.94 -16.93 3.48
N SER B 222 -19.51 -15.84 3.99
CA SER B 222 -18.75 -14.94 4.81
C SER B 222 -18.78 -15.63 6.17
N ALA B 223 -19.97 -16.06 6.58
CA ALA B 223 -20.19 -16.74 7.86
C ALA B 223 -19.41 -18.02 8.01
N THR B 224 -19.31 -18.80 6.93
CA THR B 224 -18.57 -20.07 6.90
C THR B 224 -17.15 -19.83 6.37
N MET B 225 -16.99 -18.67 5.74
CA MET B 225 -15.74 -18.25 5.14
C MET B 225 -15.40 -19.15 3.97
N MET B 226 -16.42 -19.68 3.32
CA MET B 226 -16.21 -20.49 2.13
C MET B 226 -15.86 -19.48 1.06
N ASN B 227 -16.25 -18.23 1.33
CA ASN B 227 -15.98 -17.13 0.40
C ASN B 227 -14.50 -16.78 0.46
N LYS B 228 -13.99 -16.56 1.65
CA LYS B 228 -12.58 -16.25 1.74
C LYS B 228 -11.83 -17.40 1.08
N GLY B 229 -12.09 -18.61 1.55
CA GLY B 229 -11.45 -19.80 1.01
C GLY B 229 -11.44 -19.90 -0.51
N LEU B 230 -12.54 -19.51 -1.15
CA LEU B 230 -12.63 -19.56 -2.61
C LEU B 230 -11.75 -18.48 -3.23
N GLU B 231 -11.51 -17.41 -2.47
CA GLU B 231 -10.66 -16.31 -2.93
C GLU B 231 -9.20 -16.69 -2.75
N TYR B 232 -8.95 -17.72 -1.91
CA TYR B 232 -7.62 -18.26 -1.66
C TYR B 232 -7.25 -19.03 -2.93
N ILE B 233 -8.25 -19.65 -3.54
CA ILE B 233 -8.10 -20.41 -4.77
C ILE B 233 -7.78 -19.50 -5.96
N GLU B 234 -8.52 -18.40 -6.14
CA GLU B 234 -8.24 -17.50 -7.26
C GLU B 234 -6.87 -16.84 -7.10
N ALA B 235 -6.59 -16.39 -5.88
CA ALA B 235 -5.34 -15.72 -5.52
C ALA B 235 -4.14 -16.56 -5.96
N ARG B 236 -4.12 -17.80 -5.50
CA ARG B 236 -3.05 -18.75 -5.82
C ARG B 236 -2.83 -18.74 -7.33
N TRP B 237 -3.91 -18.84 -8.09
CA TRP B 237 -3.79 -18.85 -9.53
C TRP B 237 -3.43 -17.47 -10.03
N LEU B 238 -4.20 -16.47 -9.62
CA LEU B 238 -3.98 -15.11 -10.09
C LEU B 238 -2.61 -14.54 -9.89
N PHE B 239 -2.07 -14.68 -8.68
CA PHE B 239 -0.75 -14.16 -8.37
C PHE B 239 0.41 -15.15 -8.44
N ASN B 240 0.10 -16.39 -8.78
CA ASN B 240 1.15 -17.42 -8.88
C ASN B 240 1.81 -17.54 -7.50
N ALA B 241 1.03 -18.05 -6.54
CA ALA B 241 1.52 -18.22 -5.17
C ALA B 241 1.37 -19.66 -4.69
N SER B 242 2.25 -20.05 -3.76
CA SER B 242 2.23 -21.37 -3.18
C SER B 242 1.62 -21.21 -1.77
N ALA B 243 0.95 -22.24 -1.26
CA ALA B 243 0.29 -22.17 0.06
C ALA B 243 1.12 -21.55 1.18
N SER B 244 2.42 -21.49 0.95
CA SER B 244 3.36 -20.91 1.91
C SER B 244 3.38 -19.40 1.68
N GLN B 245 3.27 -18.99 0.43
CA GLN B 245 3.25 -17.59 0.05
C GLN B 245 1.85 -16.99 0.16
N MET B 246 0.96 -17.68 0.89
CA MET B 246 -0.42 -17.24 1.11
C MET B 246 -0.71 -17.18 2.60
N GLU B 247 -1.50 -16.19 3.00
CA GLU B 247 -1.91 -16.01 4.39
C GLU B 247 -3.34 -15.51 4.40
N VAL B 248 -4.15 -16.07 5.29
CA VAL B 248 -5.53 -15.68 5.42
C VAL B 248 -5.63 -15.03 6.79
N LEU B 249 -6.11 -13.79 6.84
CA LEU B 249 -6.20 -13.06 8.10
C LEU B 249 -7.63 -12.58 8.32
N ILE B 250 -8.08 -12.63 9.58
CA ILE B 250 -9.43 -12.13 9.89
C ILE B 250 -9.24 -10.64 10.21
N HIS B 251 -9.96 -9.78 9.49
CA HIS B 251 -9.95 -8.34 9.72
C HIS B 251 -11.43 -7.98 9.62
N PRO B 252 -12.13 -7.97 10.77
CA PRO B 252 -13.55 -7.66 10.93
C PRO B 252 -14.12 -6.38 10.30
N GLN B 253 -13.39 -5.28 10.37
CA GLN B 253 -13.90 -4.02 9.85
C GLN B 253 -13.85 -3.85 8.35
N SER B 254 -13.09 -4.70 7.67
CA SER B 254 -12.96 -4.67 6.22
C SER B 254 -12.63 -3.29 5.64
N VAL B 255 -11.67 -2.61 6.28
CA VAL B 255 -11.21 -1.29 5.82
C VAL B 255 -10.08 -1.62 4.88
N ILE B 256 -9.15 -2.39 5.42
CA ILE B 256 -8.01 -2.90 4.68
C ILE B 256 -8.64 -3.98 3.83
N HIS B 257 -8.57 -3.80 2.50
CA HIS B 257 -9.15 -4.75 1.58
C HIS B 257 -8.30 -6.01 1.42
N SER B 258 -7.00 -5.91 1.72
CA SER B 258 -6.01 -6.98 1.67
C SER B 258 -4.60 -6.40 1.51
N MET B 259 -3.57 -7.20 1.86
CA MET B 259 -2.16 -6.76 1.81
C MET B 259 -1.15 -7.66 1.08
N VAL B 260 0.10 -7.18 1.00
CA VAL B 260 1.23 -7.89 0.38
C VAL B 260 2.51 -7.71 1.22
N ARG B 261 3.03 -8.84 1.71
CA ARG B 261 4.23 -8.87 2.53
C ARG B 261 5.48 -8.88 1.63
N TYR B 262 6.53 -8.17 2.07
CA TYR B 262 7.80 -8.06 1.35
C TYR B 262 8.99 -8.47 2.21
N GLN B 263 10.11 -8.80 1.56
CA GLN B 263 11.34 -9.26 2.23
C GLN B 263 11.95 -8.39 3.33
N ASP B 264 11.79 -7.07 3.20
CA ASP B 264 12.36 -6.15 4.18
C ASP B 264 11.40 -5.78 5.26
N GLY B 265 10.29 -6.52 5.35
CA GLY B 265 9.29 -6.28 6.39
C GLY B 265 8.11 -5.40 6.04
N SER B 266 8.26 -4.69 4.93
CA SER B 266 7.22 -3.78 4.45
C SER B 266 5.97 -4.55 4.05
N VAL B 267 4.83 -4.09 4.56
CA VAL B 267 3.54 -4.67 4.21
C VAL B 267 2.82 -3.55 3.42
N LEU B 268 2.49 -3.82 2.17
CA LEU B 268 1.79 -2.80 1.41
C LEU B 268 0.32 -3.20 1.50
N ALA B 269 -0.58 -2.21 1.58
CA ALA B 269 -2.02 -2.48 1.70
C ALA B 269 -2.92 -1.47 0.97
N GLN B 270 -4.17 -1.86 0.72
CA GLN B 270 -5.12 -0.94 0.07
C GLN B 270 -6.31 -0.87 0.98
N LEU B 271 -6.88 0.33 1.11
CA LEU B 271 -8.06 0.57 1.94
C LEU B 271 -8.91 1.59 1.22
N GLY B 272 -10.16 1.69 1.63
CA GLY B 272 -11.04 2.64 1.00
C GLY B 272 -12.43 2.19 1.37
N GLU B 273 -13.45 2.81 0.78
CA GLU B 273 -14.84 2.45 1.06
C GLU B 273 -15.18 1.12 0.39
N PRO B 274 -16.19 0.41 0.90
CA PRO B 274 -16.60 -0.88 0.33
C PRO B 274 -17.18 -0.81 -1.08
N ASP B 275 -17.42 0.41 -1.58
CA ASP B 275 -17.98 0.64 -2.92
C ASP B 275 -17.19 -0.08 -4.00
N MET B 276 -17.86 -0.76 -4.94
CA MET B 276 -17.13 -1.46 -6.00
C MET B 276 -16.59 -0.56 -7.14
N ARG B 277 -17.07 0.68 -7.20
CA ARG B 277 -16.61 1.61 -8.23
C ARG B 277 -15.14 1.98 -8.10
N THR B 278 -14.55 1.73 -6.91
CA THR B 278 -13.13 2.00 -6.63
C THR B 278 -12.26 0.98 -7.35
N PRO B 279 -12.54 -0.31 -7.14
CA PRO B 279 -11.71 -1.27 -7.87
C PRO B 279 -12.14 -1.31 -9.33
N ILE B 280 -13.36 -0.90 -9.64
CA ILE B 280 -13.77 -0.92 -11.03
C ILE B 280 -13.06 0.20 -11.72
N ALA B 281 -12.91 1.36 -11.07
CA ALA B 281 -12.20 2.51 -11.69
C ALA B 281 -10.69 2.29 -11.80
N HIS B 282 -10.10 1.68 -10.80
CA HIS B 282 -8.67 1.41 -10.81
C HIS B 282 -8.32 0.53 -12.01
N THR B 283 -9.04 -0.59 -12.16
CA THR B 283 -8.77 -1.52 -13.26
C THR B 283 -9.02 -0.88 -14.63
N MET B 284 -10.06 -0.06 -14.75
CA MET B 284 -10.38 0.57 -16.03
C MET B 284 -9.34 1.62 -16.47
N ALA B 285 -8.90 2.46 -15.52
CA ALA B 285 -7.94 3.55 -15.79
C ALA B 285 -6.49 3.09 -15.88
N TRP B 286 -6.18 2.00 -15.20
CA TRP B 286 -4.84 1.43 -15.17
C TRP B 286 -4.09 1.63 -16.48
N PRO B 287 -2.79 2.00 -16.40
CA PRO B 287 -1.99 2.23 -15.18
C PRO B 287 -2.16 3.61 -14.51
N ASN B 288 -3.16 4.35 -14.98
CA ASN B 288 -3.50 5.69 -14.47
C ASN B 288 -4.70 5.55 -13.52
N ARG B 289 -5.29 6.69 -13.14
CA ARG B 289 -6.46 6.72 -12.22
C ARG B 289 -7.54 7.72 -12.69
N VAL B 290 -8.77 7.50 -12.27
CA VAL B 290 -9.87 8.37 -12.62
C VAL B 290 -10.71 8.40 -11.37
N ASN B 291 -11.61 9.36 -11.29
CA ASN B 291 -12.49 9.43 -10.13
C ASN B 291 -13.51 8.35 -10.40
N SER B 292 -14.27 8.01 -9.37
CA SER B 292 -15.30 6.97 -9.48
C SER B 292 -16.58 7.42 -8.79
N GLY B 293 -16.50 8.56 -8.10
CA GLY B 293 -17.64 9.10 -7.38
C GLY B 293 -17.76 8.52 -5.98
N VAL B 294 -16.69 7.89 -5.50
CA VAL B 294 -16.70 7.30 -4.17
C VAL B 294 -16.14 8.29 -3.14
N LYS B 295 -16.48 8.06 -1.87
CA LYS B 295 -16.10 8.91 -0.72
C LYS B 295 -14.66 8.84 -0.21
N PRO B 296 -14.00 10.00 -0.05
CA PRO B 296 -12.65 9.86 0.46
C PRO B 296 -12.73 9.28 1.88
N LEU B 297 -12.13 8.11 2.07
CA LEU B 297 -12.12 7.42 3.36
C LEU B 297 -11.82 8.40 4.48
N ASP B 298 -12.77 8.56 5.39
CA ASP B 298 -12.63 9.46 6.53
C ASP B 298 -12.00 8.66 7.70
N PHE B 299 -10.66 8.63 7.80
CA PHE B 299 -10.01 7.85 8.86
C PHE B 299 -10.46 8.23 10.25
N CYS B 300 -11.15 9.37 10.32
CA CYS B 300 -11.67 9.81 11.59
C CYS B 300 -12.90 9.00 11.87
N LYS B 301 -13.98 9.27 11.13
CA LYS B 301 -15.23 8.52 11.27
C LYS B 301 -14.96 7.06 10.85
N LEU B 302 -14.24 6.33 11.71
CA LEU B 302 -13.82 4.94 11.49
C LEU B 302 -13.69 4.11 12.76
N SER B 303 -13.91 2.80 12.65
CA SER B 303 -13.80 1.88 13.79
C SER B 303 -12.32 1.53 14.06
N ALA B 304 -12.07 0.91 15.20
CA ALA B 304 -10.70 0.52 15.54
C ALA B 304 -10.39 -0.71 14.69
N LEU B 305 -9.16 -0.81 14.15
CA LEU B 305 -8.79 -1.93 13.30
C LEU B 305 -8.05 -3.10 14.00
N THR B 306 -8.68 -4.27 14.00
CA THR B 306 -8.06 -5.46 14.59
C THR B 306 -7.87 -6.59 13.60
N PHE B 307 -7.04 -7.55 14.00
CA PHE B 307 -6.72 -8.70 13.17
C PHE B 307 -6.69 -9.95 14.03
N ALA B 308 -6.84 -11.09 13.35
CA ALA B 308 -6.86 -12.40 13.98
C ALA B 308 -6.68 -13.51 12.93
N ALA B 309 -6.25 -14.69 13.39
CA ALA B 309 -6.07 -15.81 12.48
C ALA B 309 -7.37 -16.62 12.48
N PRO B 310 -7.73 -17.20 11.32
CA PRO B 310 -8.97 -17.97 11.35
C PRO B 310 -8.74 -19.22 12.20
N ASP B 311 -9.80 -19.69 12.87
CA ASP B 311 -9.77 -20.91 13.69
C ASP B 311 -10.31 -21.99 12.74
N TYR B 312 -9.47 -22.86 12.20
CA TYR B 312 -9.96 -23.86 11.25
C TYR B 312 -11.03 -24.81 11.79
N ASP B 313 -11.33 -24.67 13.07
CA ASP B 313 -12.38 -25.46 13.68
C ASP B 313 -13.65 -24.65 13.51
N ARG B 314 -13.52 -23.33 13.63
CA ARG B 314 -14.68 -22.45 13.47
C ARG B 314 -15.06 -22.34 11.97
N TYR B 315 -14.07 -22.21 11.11
CA TYR B 315 -14.36 -22.09 9.70
C TYR B 315 -13.77 -23.31 8.97
N PRO B 316 -14.54 -24.41 8.89
CA PRO B 316 -14.09 -25.63 8.22
C PRO B 316 -14.05 -25.49 6.70
N CYS B 317 -14.97 -24.68 6.17
CA CYS B 317 -15.05 -24.44 4.73
C CYS B 317 -13.81 -23.78 4.14
N LEU B 318 -12.94 -23.29 5.02
CA LEU B 318 -11.69 -22.64 4.61
C LEU B 318 -10.56 -23.68 4.46
N LYS B 319 -10.50 -24.65 5.40
CA LYS B 319 -9.48 -25.69 5.34
C LYS B 319 -9.83 -26.56 4.12
N LEU B 320 -11.12 -26.85 3.97
CA LEU B 320 -11.62 -27.64 2.85
C LEU B 320 -11.08 -27.03 1.54
N ALA B 321 -11.37 -25.74 1.34
CA ALA B 321 -10.94 -25.00 0.16
C ALA B 321 -9.40 -25.00 -0.05
N MET B 322 -8.64 -24.96 1.05
CA MET B 322 -7.18 -24.96 0.96
C MET B 322 -6.67 -26.32 0.56
N GLU B 323 -7.28 -27.37 1.12
CA GLU B 323 -6.92 -28.74 0.79
C GLU B 323 -7.48 -29.06 -0.60
N ALA B 324 -8.60 -28.44 -0.94
CA ALA B 324 -9.22 -28.66 -2.24
C ALA B 324 -8.32 -28.16 -3.36
N PHE B 325 -7.64 -27.04 -3.13
CA PHE B 325 -6.73 -26.48 -4.14
C PHE B 325 -5.61 -27.47 -4.44
N GLU B 326 -5.16 -28.15 -3.38
CA GLU B 326 -4.09 -29.14 -3.48
C GLU B 326 -4.47 -30.42 -4.25
N GLN B 327 -5.76 -30.64 -4.50
CA GLN B 327 -6.20 -31.86 -5.21
C GLN B 327 -6.42 -31.70 -6.74
N GLY B 328 -6.69 -30.47 -7.19
CA GLY B 328 -6.90 -30.24 -8.62
C GLY B 328 -8.13 -29.38 -8.88
N GLN B 329 -8.28 -28.90 -10.11
CA GLN B 329 -9.42 -28.06 -10.48
C GLN B 329 -10.75 -28.81 -10.44
N ALA B 330 -10.68 -30.12 -10.23
CA ALA B 330 -11.88 -30.93 -10.17
C ALA B 330 -12.41 -30.90 -8.74
N ALA B 331 -11.50 -30.80 -7.78
CA ALA B 331 -11.89 -30.75 -6.38
C ALA B 331 -12.40 -29.37 -6.00
N THR B 332 -11.93 -28.33 -6.70
CA THR B 332 -12.38 -26.98 -6.40
C THR B 332 -13.63 -26.60 -7.19
N THR B 333 -13.80 -27.17 -8.39
CA THR B 333 -14.98 -26.88 -9.21
C THR B 333 -16.17 -27.56 -8.56
N ALA B 334 -15.87 -28.71 -7.98
CA ALA B 334 -16.84 -29.52 -7.31
C ALA B 334 -17.09 -29.00 -5.91
N LEU B 335 -16.13 -28.24 -5.37
CA LEU B 335 -16.28 -27.70 -4.03
C LEU B 335 -17.11 -26.44 -4.12
N ASN B 336 -16.96 -25.73 -5.23
CA ASN B 336 -17.71 -24.52 -5.44
C ASN B 336 -19.13 -24.93 -5.79
N ALA B 337 -19.24 -26.07 -6.49
CA ALA B 337 -20.50 -26.63 -6.93
C ALA B 337 -21.39 -27.07 -5.75
N ALA B 338 -20.86 -27.99 -4.96
CA ALA B 338 -21.53 -28.55 -3.79
C ALA B 338 -21.85 -27.50 -2.75
N ASN B 339 -21.08 -26.42 -2.73
CA ASN B 339 -21.28 -25.35 -1.78
C ASN B 339 -22.54 -24.56 -2.11
N GLU B 340 -22.78 -24.30 -3.39
CA GLU B 340 -23.98 -23.54 -3.76
C GLU B 340 -25.23 -24.32 -3.46
N ILE B 341 -25.12 -25.65 -3.49
CA ILE B 341 -26.22 -26.56 -3.18
C ILE B 341 -26.48 -26.43 -1.68
N THR B 342 -25.55 -26.94 -0.88
CA THR B 342 -25.63 -26.89 0.56
C THR B 342 -26.03 -25.52 1.12
N VAL B 343 -25.26 -24.48 0.85
CA VAL B 343 -25.62 -23.15 1.35
C VAL B 343 -27.10 -22.99 1.11
N ALA B 344 -27.48 -23.22 -0.14
CA ALA B 344 -28.86 -23.10 -0.56
C ALA B 344 -29.81 -23.95 0.24
N ALA B 345 -29.35 -25.14 0.66
CA ALA B 345 -30.17 -26.05 1.47
C ALA B 345 -30.36 -25.35 2.80
N PHE B 346 -29.29 -24.71 3.27
CA PHE B 346 -29.30 -23.99 4.55
C PHE B 346 -30.26 -22.80 4.53
N LEU B 347 -30.26 -22.06 3.40
CA LEU B 347 -31.12 -20.90 3.26
C LEU B 347 -32.59 -21.28 3.22
N ALA B 348 -32.88 -22.49 2.73
CA ALA B 348 -34.24 -23.02 2.62
C ALA B 348 -34.65 -23.76 3.89
N GLN B 349 -33.67 -24.05 4.73
CA GLN B 349 -33.89 -24.74 5.99
C GLN B 349 -34.07 -26.22 5.77
N GLN B 350 -33.04 -26.89 5.27
CA GLN B 350 -33.09 -28.32 5.02
C GLN B 350 -31.97 -28.96 5.81
N ILE B 351 -31.01 -28.14 6.18
CA ILE B 351 -29.87 -28.62 6.91
C ILE B 351 -29.40 -27.53 7.87
N ARG B 352 -28.68 -27.92 8.93
CA ARG B 352 -28.18 -26.98 9.93
C ARG B 352 -27.07 -26.12 9.31
N PHE B 353 -26.73 -25.01 9.95
CA PHE B 353 -25.68 -24.14 9.42
C PHE B 353 -24.36 -24.91 9.35
N THR B 354 -24.08 -25.64 10.41
CA THR B 354 -22.87 -26.45 10.54
C THR B 354 -22.82 -27.59 9.50
N ASP B 355 -23.95 -27.84 8.83
CA ASP B 355 -24.05 -28.89 7.82
C ASP B 355 -23.45 -28.53 6.48
N ILE B 356 -23.31 -27.24 6.18
CA ILE B 356 -22.72 -26.80 4.91
C ILE B 356 -21.27 -27.28 4.85
N ALA B 357 -20.56 -27.08 5.96
CA ALA B 357 -19.16 -27.46 6.09
C ALA B 357 -18.95 -28.97 5.88
N ALA B 358 -19.77 -29.77 6.56
CA ALA B 358 -19.68 -31.23 6.50
C ALA B 358 -20.13 -31.90 5.19
N LEU B 359 -21.15 -31.34 4.54
CA LEU B 359 -21.66 -31.89 3.28
C LEU B 359 -20.73 -31.55 2.11
N ASN B 360 -20.26 -30.30 2.05
CA ASN B 360 -19.35 -29.92 0.97
C ASN B 360 -18.15 -30.84 1.08
N LEU B 361 -17.74 -31.10 2.32
CA LEU B 361 -16.62 -31.98 2.62
C LEU B 361 -16.88 -33.32 1.94
N SER B 362 -17.97 -33.96 2.39
CA SER B 362 -18.41 -35.26 1.89
C SER B 362 -18.40 -35.39 0.35
N VAL B 363 -19.12 -34.51 -0.35
CA VAL B 363 -19.13 -34.59 -1.80
C VAL B 363 -17.73 -34.67 -2.35
N LEU B 364 -16.82 -33.88 -1.78
CA LEU B 364 -15.42 -33.83 -2.18
C LEU B 364 -14.75 -35.19 -1.99
N GLU B 365 -15.17 -35.89 -0.93
CA GLU B 365 -14.66 -37.22 -0.59
C GLU B 365 -15.34 -38.21 -1.51
N LYS B 366 -16.65 -38.33 -1.32
CA LYS B 366 -17.48 -39.23 -2.11
C LYS B 366 -17.52 -38.71 -3.56
N MET B 367 -16.40 -38.88 -4.26
CA MET B 367 -16.25 -38.43 -5.64
C MET B 367 -14.77 -38.45 -6.05
N ASP B 368 -14.29 -39.57 -6.60
CA ASP B 368 -12.88 -39.67 -7.06
C ASP B 368 -12.80 -38.94 -8.40
N MET B 369 -12.46 -37.66 -8.30
CA MET B 369 -12.37 -36.74 -9.45
C MET B 369 -11.08 -36.86 -10.24
N ARG B 370 -11.10 -36.27 -11.44
CA ARG B 370 -9.94 -36.25 -12.31
C ARG B 370 -9.86 -34.89 -12.99
N GLU B 371 -8.78 -34.15 -12.72
CA GLU B 371 -8.55 -32.80 -13.28
C GLU B 371 -9.21 -32.54 -14.66
N PRO B 372 -9.91 -31.39 -14.81
CA PRO B 372 -10.58 -31.01 -16.07
C PRO B 372 -9.58 -30.76 -17.18
N GLN B 373 -10.06 -30.28 -18.33
CA GLN B 373 -9.16 -29.98 -19.45
C GLN B 373 -9.69 -28.94 -20.46
N CYS B 374 -10.89 -28.42 -20.21
CA CYS B 374 -11.52 -27.37 -21.02
C CYS B 374 -12.75 -26.85 -20.28
N VAL B 375 -13.51 -25.96 -20.91
CA VAL B 375 -14.71 -25.40 -20.27
C VAL B 375 -15.84 -26.42 -20.15
N ASP B 376 -15.65 -27.61 -20.72
CA ASP B 376 -16.66 -28.67 -20.67
C ASP B 376 -16.42 -29.66 -19.54
N ASP B 377 -15.15 -29.96 -19.30
CA ASP B 377 -14.72 -30.87 -18.22
C ASP B 377 -15.14 -30.25 -16.88
N VAL B 378 -14.99 -28.94 -16.80
CA VAL B 378 -15.33 -28.20 -15.60
C VAL B 378 -16.85 -28.14 -15.37
N LEU B 379 -17.62 -28.00 -16.45
CA LEU B 379 -19.08 -27.95 -16.36
C LEU B 379 -19.57 -29.28 -15.84
N SER B 380 -19.00 -30.33 -16.41
CA SER B 380 -19.34 -31.69 -16.04
C SER B 380 -19.08 -31.93 -14.55
N VAL B 381 -17.82 -31.75 -14.12
CA VAL B 381 -17.47 -31.96 -12.73
C VAL B 381 -18.40 -31.16 -11.84
N ASP B 382 -18.97 -30.10 -12.39
CA ASP B 382 -19.89 -29.28 -11.64
C ASP B 382 -21.23 -29.98 -11.48
N ALA B 383 -21.72 -30.56 -12.58
CA ALA B 383 -23.02 -31.26 -12.60
C ALA B 383 -23.09 -32.55 -11.77
N ASN B 384 -21.95 -33.24 -11.66
CA ASN B 384 -21.87 -34.47 -10.90
C ASN B 384 -21.67 -34.16 -9.42
N ALA B 385 -21.11 -32.99 -9.13
CA ALA B 385 -20.86 -32.53 -7.77
C ALA B 385 -22.17 -32.03 -7.18
N ARG B 386 -22.93 -31.30 -8.00
CA ARG B 386 -24.21 -30.79 -7.56
C ARG B 386 -25.06 -31.99 -7.20
N GLU B 387 -25.03 -33.01 -8.06
CA GLU B 387 -25.82 -34.20 -7.84
C GLU B 387 -25.42 -34.97 -6.57
N VAL B 388 -24.11 -35.10 -6.32
CA VAL B 388 -23.66 -35.80 -5.12
C VAL B 388 -24.08 -34.96 -3.90
N ALA B 389 -24.33 -33.68 -4.18
CA ALA B 389 -24.74 -32.69 -3.17
C ALA B 389 -26.27 -32.60 -2.97
N ARG B 390 -27.02 -32.40 -4.05
CA ARG B 390 -28.49 -32.33 -3.96
C ARG B 390 -28.94 -33.62 -3.31
N LYS B 391 -28.28 -34.71 -3.72
CA LYS B 391 -28.57 -36.04 -3.21
C LYS B 391 -28.13 -36.20 -1.74
N GLU B 392 -27.15 -35.40 -1.32
CA GLU B 392 -26.65 -35.44 0.06
C GLU B 392 -27.49 -34.62 1.04
N VAL B 393 -28.07 -33.52 0.57
CA VAL B 393 -28.93 -32.71 1.41
C VAL B 393 -30.06 -33.65 1.82
N MET B 394 -30.43 -34.48 0.83
CA MET B 394 -31.49 -35.48 0.91
C MET B 394 -31.43 -36.47 2.07
N ARG B 395 -30.28 -37.09 2.30
CA ARG B 395 -30.18 -38.06 3.40
C ARG B 395 -30.56 -37.42 4.75
N LEU B 396 -30.76 -36.10 4.75
CA LEU B 396 -31.14 -35.36 5.96
C LEU B 396 -32.55 -34.78 5.79
N ALA B 397 -33.53 -35.64 5.55
CA ALA B 397 -34.92 -35.21 5.37
C ALA B 397 -35.78 -35.72 6.53
#